data_7OC4
#
_entry.id   7OC4
#
_cell.length_a   73.911
_cell.length_b   64.256
_cell.length_c   86.508
_cell.angle_alpha   90.000
_cell.angle_beta   101.230
_cell.angle_gamma   90.000
#
_symmetry.space_group_name_H-M   'P 1 21 1'
#
loop_
_entity.id
_entity.type
_entity.pdbx_description
1 polymer 'Alpha-humulene synthase AsR6'
2 non-polymer 'ZINC ION'
3 non-polymer 'TRIHYDROGEN THIODIPHOSPHATE'
4 non-polymer (R,R)-2,3-BUTANEDIOL
5 non-polymer (1E,4E,8E)-2,6,6,9-Tetramethyl-1,4-8-cycloundecatriene
6 non-polymer '2-(N-MORPHOLINO)-ETHANESULFONIC ACID'
7 non-polymer 'MAGNESIUM ION'
8 water water
#
_entity_poly.entity_id   1
_entity_poly.type   'polypeptide(L)'
_entity_poly.pdbx_seq_one_letter_code
;GAMPVTTPTKMATLTTKQMWQTIKDYFGDGFVTGSAPISYNVHTCDMQLQPDSGIHAASDGIHYGVQISEDSMPLFSIMG
DTAAPPCTCHRVDEIVKHIDEFLERAPEALPDDGAITSGKPCDTNPDQVSLYAMRDSLSWWVHWGGNLRPEHYWKQIYIG
FAAIPDDVQISPREFLDGTYRYLGHTWDDCLSGLEEEGVSPDEIEFANMCMWRQMLTQWLEKADPELLPLLKGKISLMLQ
YRVLTANTLGCLALFMNATADPKDGPIHYADSSYEMEIASVAQCVTLDMAKEAMGILQGERTEVVAGDRAQRKRELRWIY
VRCMQILESQPHAHMLRRYGSAGLHYVPMMDRYLERVSGHTRFPIRDGAARILERFINRAELPKESEDINPNGRSLKVSA
KMNGNGQLHHEVNGNAKLHLEAERPDVTTAVG
;
_entity_poly.pdbx_strand_id   A,B
#
loop_
_chem_comp.id
_chem_comp.type
_chem_comp.name
_chem_comp.formula
BU3 non-polymer (R,R)-2,3-BUTANEDIOL 'C4 H10 O2'
MES non-polymer '2-(N-MORPHOLINO)-ETHANESULFONIC ACID' 'C6 H13 N O4 S'
MG non-polymer 'MAGNESIUM ION' 'Mg 2'
PIS non-polymer 'TRIHYDROGEN THIODIPHOSPHATE' 'H3 O6 P2 S -1'
V8Z non-polymer (1E,4E,8E)-2,6,6,9-Tetramethyl-1,4-8-cycloundecatriene 'C15 H24'
ZN non-polymer 'ZINC ION' 'Zn 2'
#
# COMPACT_ATOMS: atom_id res chain seq x y z
N THR A 7 -10.57 43.15 31.29
CA THR A 7 -10.80 42.83 29.85
C THR A 7 -12.29 42.65 29.56
N PRO A 8 -12.91 43.64 28.91
CA PRO A 8 -14.34 43.51 28.61
C PRO A 8 -14.59 42.43 27.56
N THR A 9 -15.68 41.69 27.76
CA THR A 9 -16.03 40.59 26.88
C THR A 9 -16.33 41.07 25.46
N LYS A 10 -15.45 40.76 24.52
CA LYS A 10 -15.65 41.08 23.12
C LYS A 10 -15.84 39.78 22.34
N MET A 11 -16.73 39.81 21.33
CA MET A 11 -17.06 38.59 20.63
C MET A 11 -17.41 38.78 19.16
N ALA A 12 -17.06 39.91 18.54
CA ALA A 12 -17.28 40.06 17.11
C ALA A 12 -16.51 38.98 16.36
N THR A 13 -17.16 38.38 15.37
CA THR A 13 -16.53 37.34 14.58
C THR A 13 -15.78 37.97 13.41
N LEU A 14 -14.67 37.34 13.04
CA LEU A 14 -13.88 37.82 11.93
C LEU A 14 -14.62 37.64 10.61
N THR A 15 -14.45 38.60 9.70
CA THR A 15 -14.90 38.42 8.33
C THR A 15 -13.97 37.43 7.62
N THR A 16 -14.45 36.91 6.50
CA THR A 16 -13.62 35.99 5.71
C THR A 16 -12.30 36.66 5.34
N LYS A 17 -12.34 37.94 5.02
CA LYS A 17 -11.13 38.68 4.67
C LYS A 17 -10.19 38.75 5.86
N GLN A 18 -10.73 38.94 7.07
CA GLN A 18 -9.89 39.03 8.26
C GLN A 18 -9.28 37.69 8.63
N MET A 19 -9.99 36.59 8.39
CA MET A 19 -9.39 35.28 8.61
C MET A 19 -8.19 35.09 7.68
N TRP A 20 -8.36 35.41 6.41
CA TRP A 20 -7.27 35.31 5.44
C TRP A 20 -6.07 36.13 5.90
N GLN A 21 -6.32 37.34 6.41
CA GLN A 21 -5.22 38.18 6.89
C GLN A 21 -4.59 37.60 8.15
N THR A 22 -5.40 36.96 9.00
CA THR A 22 -4.87 36.39 10.24
C THR A 22 -3.85 35.30 9.95
N ILE A 23 -4.19 34.37 9.04
CA ILE A 23 -3.26 33.28 8.76
C ILE A 23 -2.05 33.79 8.00
N LYS A 24 -2.18 34.90 7.27
CA LYS A 24 -1.00 35.55 6.70
C LYS A 24 -0.02 35.95 7.79
N ASP A 25 -0.53 36.62 8.83
CA ASP A 25 0.34 37.06 9.93
C ASP A 25 0.92 35.88 10.68
N TYR A 26 0.18 34.77 10.77
CA TYR A 26 0.67 33.63 11.53
C TYR A 26 1.72 32.84 10.74
N PHE A 27 1.42 32.51 9.49
CA PHE A 27 2.32 31.66 8.71
C PHE A 27 3.47 32.47 8.11
N GLY A 28 3.22 33.70 7.71
CA GLY A 28 4.21 34.49 7.01
C GLY A 28 4.48 33.91 5.62
N ASP A 29 5.43 34.55 4.94
CA ASP A 29 5.80 34.11 3.60
C ASP A 29 6.60 32.81 3.63
N GLY A 30 6.42 32.00 2.59
CA GLY A 30 7.30 30.89 2.31
C GLY A 30 8.55 31.37 1.59
N PHE A 31 9.16 30.48 0.80
CA PHE A 31 10.39 30.86 0.13
C PHE A 31 10.18 31.85 -1.00
N VAL A 32 8.94 32.04 -1.45
CA VAL A 32 8.59 33.08 -2.42
C VAL A 32 8.04 34.28 -1.66
N THR A 33 8.67 35.43 -1.84
CA THR A 33 8.18 36.65 -1.20
C THR A 33 6.76 36.94 -1.69
N GLY A 34 5.90 37.31 -0.75
CA GLY A 34 4.50 37.59 -1.05
C GLY A 34 3.60 36.37 -1.07
N SER A 35 4.08 35.21 -0.63
CA SER A 35 3.31 33.98 -0.75
C SER A 35 2.36 33.73 0.39
N ALA A 36 2.49 34.45 1.50
CA ALA A 36 1.65 34.18 2.66
C ALA A 36 0.18 34.26 2.27
N PRO A 37 -0.67 33.31 2.71
CA PRO A 37 -0.42 32.19 3.63
C PRO A 37 -0.08 30.88 2.91
N ILE A 38 0.08 30.94 1.59
CA ILE A 38 0.48 29.77 0.82
C ILE A 38 1.98 29.61 0.99
N SER A 39 2.39 29.16 2.18
CA SER A 39 3.77 29.29 2.64
C SER A 39 4.41 27.91 2.72
N TYR A 40 5.46 27.69 1.93
CA TYR A 40 6.21 26.45 1.93
C TYR A 40 7.68 26.76 2.16
N ASN A 41 8.36 25.87 2.87
CA ASN A 41 9.77 26.04 3.16
C ASN A 41 10.67 25.49 2.05
N VAL A 42 10.26 24.38 1.42
CA VAL A 42 11.14 23.62 0.54
C VAL A 42 10.78 23.93 -0.91
N HIS A 43 11.80 24.21 -1.71
CA HIS A 43 11.64 24.46 -3.15
C HIS A 43 11.78 23.12 -3.86
N THR A 44 10.65 22.55 -4.27
CA THR A 44 10.66 21.20 -4.83
C THR A 44 11.54 21.11 -6.07
N CYS A 45 11.61 22.17 -6.87
CA CYS A 45 12.37 22.13 -8.11
C CYS A 45 13.87 21.99 -7.88
N ASP A 46 14.36 22.36 -6.70
CA ASP A 46 15.77 22.24 -6.36
C ASP A 46 16.10 20.92 -5.68
N MET A 47 15.13 20.01 -5.58
CA MET A 47 15.37 18.69 -4.98
C MET A 47 16.13 17.81 -5.96
N GLN A 48 17.00 16.97 -5.41
CA GLN A 48 17.82 16.05 -6.17
C GLN A 48 17.48 14.61 -5.77
N LEU A 49 17.93 13.68 -6.61
CA LEU A 49 17.71 12.26 -6.38
C LEU A 49 18.97 11.51 -6.78
N GLN A 50 19.47 10.68 -5.87
CA GLN A 50 20.65 9.90 -6.12
C GLN A 50 20.29 8.43 -6.33
N PRO A 51 21.07 7.69 -7.11
CA PRO A 51 20.84 6.24 -7.20
C PRO A 51 21.08 5.57 -5.86
N ASP A 52 20.22 4.62 -5.52
CA ASP A 52 20.36 3.92 -4.25
C ASP A 52 21.64 3.08 -4.28
N SER A 53 22.37 3.10 -3.16
CA SER A 53 23.61 2.35 -3.08
C SER A 53 23.37 0.85 -2.91
N GLY A 54 22.20 0.46 -2.42
CA GLY A 54 21.92 -0.94 -2.17
C GLY A 54 22.53 -1.48 -0.90
N ILE A 55 23.33 -0.71 -0.19
CA ILE A 55 23.93 -1.11 1.09
C ILE A 55 23.32 -0.23 2.16
N HIS A 56 22.52 -0.84 3.04
CA HIS A 56 21.78 -0.11 4.06
C HIS A 56 21.92 -0.80 5.41
N ALA A 57 22.01 0.01 6.46
CA ALA A 57 21.95 -0.53 7.81
C ALA A 57 20.51 -0.89 8.16
N ALA A 58 20.37 -1.81 9.12
CA ALA A 58 19.05 -2.26 9.52
C ALA A 58 18.17 -1.10 9.97
N SER A 59 18.78 -0.03 10.48
CA SER A 59 18.05 1.10 11.01
C SER A 59 17.82 2.21 10.00
N ASP A 60 18.17 2.00 8.73
CA ASP A 60 18.04 3.04 7.72
C ASP A 60 16.57 3.34 7.42
N GLY A 61 16.31 4.60 7.07
CA GLY A 61 14.95 5.05 6.83
C GLY A 61 14.29 4.43 5.61
N ILE A 62 15.08 3.91 4.68
CA ILE A 62 14.51 3.31 3.47
C ILE A 62 13.58 2.16 3.81
N HIS A 63 13.77 1.52 4.97
CA HIS A 63 12.95 0.38 5.35
C HIS A 63 11.55 0.79 5.79
N TYR A 64 11.32 2.07 6.06
CA TYR A 64 9.99 2.53 6.43
C TYR A 64 9.19 2.93 5.19
N GLY A 65 7.87 2.89 5.33
CA GLY A 65 6.99 3.27 4.24
C GLY A 65 7.03 2.27 3.09
N VAL A 66 6.59 2.75 1.92
CA VAL A 66 6.68 2.00 0.68
C VAL A 66 7.83 2.58 -0.14
N GLN A 67 8.73 1.71 -0.59
CA GLN A 67 9.93 2.10 -1.33
C GLN A 67 9.79 1.63 -2.76
N ILE A 68 9.73 2.57 -3.70
CA ILE A 68 9.64 2.29 -5.13
C ILE A 68 10.69 3.17 -5.81
N SER A 69 11.80 2.56 -6.21
CA SER A 69 12.87 3.33 -6.83
C SER A 69 12.40 3.99 -8.12
N GLU A 70 12.90 5.19 -8.39
CA GLU A 70 12.50 5.91 -9.59
C GLU A 70 12.74 5.07 -10.84
N ASP A 71 13.88 4.39 -10.92
CA ASP A 71 14.24 3.66 -12.13
C ASP A 71 13.35 2.45 -12.39
N SER A 72 12.57 2.01 -11.41
CA SER A 72 11.67 0.88 -11.59
C SER A 72 10.28 1.30 -12.06
N MET A 73 9.94 2.59 -11.96
CA MET A 73 8.57 3.00 -12.22
C MET A 73 8.08 2.69 -13.63
N PRO A 74 8.92 2.69 -14.67
CA PRO A 74 8.42 2.30 -16.01
C PRO A 74 7.86 0.89 -16.04
N LEU A 75 8.18 0.05 -15.07
CA LEU A 75 7.64 -1.31 -15.04
C LEU A 75 6.14 -1.33 -14.86
N PHE A 76 5.56 -0.29 -14.26
CA PHE A 76 4.13 -0.21 -13.98
C PHE A 76 3.48 0.66 -15.05
N SER A 77 2.63 0.06 -15.87
CA SER A 77 1.98 0.80 -16.95
C SER A 77 1.21 2.00 -16.43
N ILE A 78 0.69 1.92 -15.21
CA ILE A 78 -0.02 3.05 -14.63
C ILE A 78 0.93 4.15 -14.17
N MET A 79 2.22 3.88 -14.17
CA MET A 79 3.21 4.89 -13.81
C MET A 79 3.89 5.40 -15.07
N GLY A 80 5.17 5.06 -15.25
CA GLY A 80 5.98 5.55 -16.35
C GLY A 80 7.29 6.09 -15.82
N ASP A 81 7.88 7.02 -16.57
CA ASP A 81 9.11 7.65 -16.15
C ASP A 81 8.78 8.96 -15.43
N THR A 82 9.80 9.73 -15.10
CA THR A 82 9.64 11.01 -14.43
C THR A 82 10.24 12.12 -15.29
N ALA A 83 9.81 13.35 -15.01
CA ALA A 83 10.37 14.52 -15.68
C ALA A 83 10.28 15.71 -14.73
N ALA A 84 11.33 16.51 -14.69
CA ALA A 84 11.33 17.69 -13.86
C ALA A 84 10.24 18.66 -14.34
N PRO A 85 9.50 19.28 -13.43
CA PRO A 85 8.49 20.26 -13.86
C PRO A 85 9.13 21.59 -14.19
N PRO A 86 8.48 22.41 -15.01
CA PRO A 86 8.88 23.82 -15.10
C PRO A 86 8.53 24.53 -13.80
N CYS A 87 9.42 25.41 -13.37
CA CYS A 87 9.24 26.10 -12.09
C CYS A 87 8.20 27.19 -12.26
N THR A 88 7.03 27.01 -11.64
CA THR A 88 6.01 28.05 -11.57
C THR A 88 5.82 28.57 -10.15
N CYS A 89 6.73 28.24 -9.24
CA CYS A 89 6.56 28.57 -7.83
C CYS A 89 6.53 30.08 -7.63
N HIS A 90 7.36 30.82 -8.36
CA HIS A 90 7.51 32.25 -8.13
C HIS A 90 6.24 33.04 -8.44
N ARG A 91 5.25 32.44 -9.08
CA ARG A 91 4.00 33.12 -9.37
C ARG A 91 2.94 32.90 -8.31
N VAL A 92 3.31 32.29 -7.17
CA VAL A 92 2.33 32.08 -6.10
C VAL A 92 1.84 33.42 -5.55
N ASP A 93 2.69 34.45 -5.57
CA ASP A 93 2.26 35.76 -5.11
C ASP A 93 1.13 36.30 -5.97
N GLU A 94 1.07 35.90 -7.25
CA GLU A 94 -0.03 36.30 -8.10
C GLU A 94 -1.32 35.57 -7.72
N ILE A 95 -1.21 34.33 -7.27
CA ILE A 95 -2.39 33.61 -6.78
C ILE A 95 -2.93 34.30 -5.53
N VAL A 96 -2.05 34.77 -4.65
CA VAL A 96 -2.48 35.43 -3.42
C VAL A 96 -3.17 36.75 -3.74
N LYS A 97 -2.56 37.56 -4.61
CA LYS A 97 -3.18 38.83 -4.98
C LYS A 97 -4.55 38.63 -5.58
N HIS A 98 -4.70 37.59 -6.41
CA HIS A 98 -6.02 37.27 -6.96
C HIS A 98 -7.03 36.99 -5.85
N ILE A 99 -6.66 36.12 -4.91
CA ILE A 99 -7.56 35.81 -3.80
C ILE A 99 -7.83 37.08 -2.99
N ASP A 100 -6.79 37.87 -2.72
CA ASP A 100 -6.99 39.13 -2.02
C ASP A 100 -8.07 39.96 -2.68
N GLU A 101 -8.01 40.07 -4.01
CA GLU A 101 -9.02 40.84 -4.75
C GLU A 101 -10.38 40.19 -4.65
N PHE A 102 -10.45 38.86 -4.77
CA PHE A 102 -11.73 38.17 -4.67
C PHE A 102 -12.38 38.42 -3.32
N LEU A 103 -11.60 38.33 -2.24
CA LEU A 103 -12.16 38.52 -0.90
C LEU A 103 -12.60 39.95 -0.67
N GLU A 104 -11.99 40.90 -1.38
CA GLU A 104 -12.40 42.30 -1.24
C GLU A 104 -13.81 42.52 -1.77
N ARG A 105 -14.22 41.73 -2.77
CA ARG A 105 -15.51 41.91 -3.42
C ARG A 105 -16.54 40.86 -3.05
N ALA A 106 -16.12 39.70 -2.55
CA ALA A 106 -17.08 38.64 -2.28
C ALA A 106 -17.95 39.01 -1.09
N PRO A 107 -19.22 38.62 -1.10
CA PRO A 107 -20.06 38.85 0.08
C PRO A 107 -19.71 37.89 1.21
N GLU A 108 -20.04 38.30 2.43
CA GLU A 108 -19.72 37.49 3.59
C GLU A 108 -20.45 36.14 3.59
N ALA A 109 -21.52 36.02 2.81
CA ALA A 109 -22.28 34.78 2.75
C ALA A 109 -22.70 34.52 1.31
N LEU A 110 -22.62 33.25 0.91
CA LEU A 110 -23.05 32.82 -0.42
C LEU A 110 -24.34 32.02 -0.33
N PRO A 111 -25.21 32.12 -1.33
CA PRO A 111 -26.48 31.37 -1.27
C PRO A 111 -26.30 29.87 -1.24
N ASP A 112 -25.17 29.35 -1.72
CA ASP A 112 -24.94 27.91 -1.75
C ASP A 112 -23.97 27.44 -0.67
N ASP A 113 -23.67 28.27 0.33
CA ASP A 113 -22.95 27.80 1.50
C ASP A 113 -23.78 26.71 2.17
N GLY A 114 -23.14 25.59 2.48
CA GLY A 114 -23.83 24.41 2.97
C GLY A 114 -24.14 23.37 1.92
N ALA A 115 -23.96 23.72 0.64
CA ALA A 115 -24.23 22.76 -0.43
C ALA A 115 -23.27 21.56 -0.35
N ILE A 116 -23.76 20.42 -0.80
CA ILE A 116 -22.98 19.19 -0.82
C ILE A 116 -22.18 19.13 -2.12
N THR A 117 -20.89 18.82 -2.01
CA THR A 117 -19.97 18.78 -3.14
C THR A 117 -19.19 17.47 -3.17
N SER A 118 -19.80 16.38 -2.70
CA SER A 118 -19.10 15.11 -2.54
C SER A 118 -18.88 14.38 -3.87
N GLY A 119 -19.57 14.78 -4.93
CA GLY A 119 -19.50 14.06 -6.19
C GLY A 119 -20.34 12.79 -6.23
N LYS A 120 -21.10 12.51 -5.18
CA LYS A 120 -21.94 11.31 -5.09
C LYS A 120 -23.38 11.76 -4.99
N PRO A 121 -24.14 11.73 -6.10
CA PRO A 121 -25.42 12.45 -6.13
C PRO A 121 -26.47 11.95 -5.17
N CYS A 122 -26.36 10.73 -4.63
CA CYS A 122 -27.34 10.28 -3.66
C CYS A 122 -27.21 10.99 -2.32
N ASP A 123 -26.14 11.76 -2.12
CA ASP A 123 -26.01 12.55 -0.90
C ASP A 123 -27.01 13.70 -0.90
N THR A 124 -27.81 13.78 0.15
CA THR A 124 -28.76 14.88 0.31
C THR A 124 -28.74 15.53 1.69
N ASN A 125 -28.20 14.87 2.71
CA ASN A 125 -28.16 15.42 4.06
C ASN A 125 -26.71 15.70 4.43
N PRO A 126 -26.34 16.95 4.77
CA PRO A 126 -24.92 17.23 5.05
C PRO A 126 -24.39 16.48 6.26
N ASP A 127 -25.25 16.15 7.23
CA ASP A 127 -24.78 15.38 8.38
C ASP A 127 -24.50 13.93 8.01
N GLN A 128 -25.23 13.38 7.04
CA GLN A 128 -24.89 12.06 6.53
C GLN A 128 -23.57 12.10 5.79
N VAL A 129 -23.31 13.18 5.06
CA VAL A 129 -22.01 13.36 4.42
C VAL A 129 -20.91 13.43 5.47
N SER A 130 -21.18 14.12 6.59
CA SER A 130 -20.22 14.16 7.68
C SER A 130 -19.97 12.78 8.25
N LEU A 131 -21.01 11.95 8.35
CA LEU A 131 -20.84 10.60 8.89
C LEU A 131 -19.92 9.78 7.99
N TYR A 132 -20.13 9.84 6.69
CA TYR A 132 -19.22 9.15 5.77
C TYR A 132 -17.81 9.73 5.88
N ALA A 133 -17.68 11.03 6.14
CA ALA A 133 -16.36 11.63 6.29
C ALA A 133 -15.68 11.15 7.57
N MET A 134 -16.44 10.83 8.61
CA MET A 134 -15.84 10.29 9.82
C MET A 134 -15.32 8.88 9.58
N ARG A 135 -16.07 8.07 8.82
CA ARG A 135 -15.56 6.79 8.35
C ARG A 135 -14.24 6.97 7.62
N ASP A 136 -14.20 7.89 6.66
CA ASP A 136 -12.97 8.14 5.91
C ASP A 136 -11.85 8.59 6.83
N SER A 137 -12.16 9.48 7.78
CA SER A 137 -11.14 10.04 8.65
C SER A 137 -10.44 8.94 9.46
N LEU A 138 -11.22 8.08 10.11
CA LEU A 138 -10.63 6.98 10.86
C LEU A 138 -9.86 6.05 9.93
N SER A 139 -10.32 5.89 8.69
CA SER A 139 -9.64 5.00 7.77
C SER A 139 -8.26 5.53 7.38
N TRP A 140 -8.16 6.83 7.11
CA TRP A 140 -6.85 7.45 6.91
C TRP A 140 -5.99 7.27 8.14
N TRP A 141 -6.51 7.68 9.30
CA TRP A 141 -5.77 7.59 10.56
C TRP A 141 -5.16 6.21 10.74
N VAL A 142 -5.94 5.17 10.47
CA VAL A 142 -5.47 3.80 10.65
C VAL A 142 -4.33 3.50 9.68
N HIS A 143 -4.47 3.90 8.41
CA HIS A 143 -3.45 3.59 7.43
C HIS A 143 -2.17 4.39 7.67
N TRP A 144 -2.28 5.55 8.32
CA TRP A 144 -1.08 6.25 8.74
C TRP A 144 -0.33 5.50 9.84
N GLY A 145 -1.00 4.55 10.49
CA GLY A 145 -0.42 3.81 11.60
C GLY A 145 -1.13 4.02 12.93
N GLY A 146 -2.23 4.76 12.97
CA GLY A 146 -2.88 5.08 14.23
C GLY A 146 -3.86 4.02 14.67
N ASN A 147 -4.35 4.19 15.90
CA ASN A 147 -5.32 3.30 16.52
C ASN A 147 -6.58 4.08 16.85
N LEU A 148 -7.60 3.36 17.31
CA LEU A 148 -8.89 3.94 17.65
C LEU A 148 -9.05 4.16 19.15
N ARG A 149 -7.96 4.31 19.88
CA ARG A 149 -8.05 4.43 21.33
C ARG A 149 -8.72 5.75 21.71
N PRO A 150 -9.36 5.79 22.89
CA PRO A 150 -10.17 6.97 23.24
C PRO A 150 -9.34 8.22 23.52
N GLU A 151 -8.06 8.09 23.89
CA GLU A 151 -7.27 9.26 24.22
C GLU A 151 -6.95 10.14 23.02
N HIS A 152 -7.31 9.70 21.80
CA HIS A 152 -7.08 10.49 20.59
C HIS A 152 -8.40 10.88 19.92
N TYR A 153 -9.51 10.78 20.67
CA TYR A 153 -10.83 11.09 20.13
C TYR A 153 -10.84 12.42 19.41
N TRP A 154 -10.36 13.48 20.06
CA TRP A 154 -10.48 14.81 19.50
C TRP A 154 -9.49 15.07 18.37
N LYS A 155 -8.36 14.35 18.34
CA LYS A 155 -7.51 14.37 17.16
C LYS A 155 -8.22 13.74 15.98
N GLN A 156 -9.01 12.68 16.23
CA GLN A 156 -9.77 12.05 15.17
C GLN A 156 -10.90 12.96 14.69
N ILE A 157 -11.53 13.68 15.61
CA ILE A 157 -12.51 14.69 15.21
C ILE A 157 -11.85 15.73 14.32
N TYR A 158 -10.61 16.12 14.65
CA TYR A 158 -9.89 17.07 13.81
C TYR A 158 -9.78 16.55 12.38
N ILE A 159 -9.45 15.26 12.21
CA ILE A 159 -9.38 14.70 10.87
C ILE A 159 -10.73 14.84 10.17
N GLY A 160 -11.82 14.67 10.93
CA GLY A 160 -13.15 14.82 10.36
C GLY A 160 -13.41 16.23 9.86
N PHE A 161 -13.08 17.23 10.68
CA PHE A 161 -13.14 18.62 10.22
C PHE A 161 -12.27 18.83 8.99
N ALA A 162 -11.14 18.11 8.90
CA ALA A 162 -10.28 18.24 7.75
C ALA A 162 -10.86 17.57 6.51
N ALA A 163 -11.77 16.60 6.69
CA ALA A 163 -12.36 15.90 5.57
C ALA A 163 -13.58 16.61 5.01
N ILE A 164 -14.45 17.11 5.89
CA ILE A 164 -15.79 17.50 5.48
C ILE A 164 -15.80 18.71 4.54
N PRO A 165 -14.91 19.70 4.63
CA PRO A 165 -14.96 20.82 3.67
C PRO A 165 -14.61 20.42 2.25
N ASP A 166 -14.07 19.23 2.03
CA ASP A 166 -13.91 18.72 0.67
C ASP A 166 -15.25 18.31 0.07
N ASP A 167 -16.19 17.87 0.92
CA ASP A 167 -17.46 17.33 0.47
C ASP A 167 -18.65 18.23 0.75
N VAL A 168 -18.44 19.33 1.48
CA VAL A 168 -19.50 20.31 1.75
C VAL A 168 -18.88 21.69 1.65
N GLN A 169 -19.63 22.63 1.07
CA GLN A 169 -19.16 24.01 0.95
C GLN A 169 -19.42 24.71 2.28
N ILE A 170 -18.36 24.86 3.08
CA ILE A 170 -18.47 25.38 4.43
C ILE A 170 -17.97 26.82 4.44
N SER A 171 -18.85 27.74 4.83
CA SER A 171 -18.45 29.13 4.98
C SER A 171 -17.38 29.24 6.07
N PRO A 172 -16.25 29.89 5.80
CA PRO A 172 -15.23 30.03 6.86
C PRO A 172 -15.76 30.72 8.10
N ARG A 173 -16.62 31.74 7.94
CA ARG A 173 -17.19 32.43 9.08
C ARG A 173 -18.05 31.50 9.93
N GLU A 174 -18.87 30.67 9.28
CA GLU A 174 -19.74 29.78 10.04
C GLU A 174 -18.94 28.68 10.72
N PHE A 175 -17.89 28.18 10.07
CA PHE A 175 -16.96 27.28 10.75
C PHE A 175 -16.38 27.95 11.97
N LEU A 176 -16.08 29.24 11.90
CA LEU A 176 -15.41 29.93 12.98
C LEU A 176 -16.36 30.21 14.14
N ASP A 177 -17.54 30.74 13.85
CA ASP A 177 -18.44 31.24 14.88
C ASP A 177 -19.36 30.17 15.45
N GLY A 178 -19.14 28.90 15.12
CA GLY A 178 -19.93 27.82 15.66
C GLY A 178 -21.25 27.57 14.98
N THR A 179 -21.60 28.36 13.97
CA THR A 179 -22.83 28.09 13.23
C THR A 179 -22.75 26.75 12.53
N TYR A 180 -21.59 26.42 11.95
CA TYR A 180 -21.40 25.11 11.38
C TYR A 180 -20.99 24.13 12.47
N ARG A 181 -21.60 22.95 12.46
CA ARG A 181 -21.25 21.87 13.37
C ARG A 181 -20.96 20.61 12.57
N TYR A 182 -19.88 19.93 12.93
CA TYR A 182 -19.53 18.63 12.35
C TYR A 182 -20.03 17.54 13.30
N LEU A 183 -21.05 16.81 12.86
CA LEU A 183 -21.64 15.75 13.68
C LEU A 183 -22.01 16.28 15.08
N GLY A 184 -22.50 17.52 15.11
CA GLY A 184 -22.91 18.15 16.36
C GLY A 184 -21.84 18.96 17.06
N HIS A 185 -20.57 18.79 16.71
CA HIS A 185 -19.49 19.51 17.36
C HIS A 185 -19.25 20.84 16.67
N THR A 186 -19.11 21.90 17.46
CA THR A 186 -18.53 23.13 16.93
C THR A 186 -17.01 22.98 16.84
N TRP A 187 -16.39 23.85 16.05
CA TRP A 187 -14.93 23.83 15.97
C TRP A 187 -14.31 24.08 17.34
N ASP A 188 -14.86 25.03 18.10
CA ASP A 188 -14.35 25.30 19.44
C ASP A 188 -14.39 24.07 20.32
N ASP A 189 -15.42 23.23 20.16
CA ASP A 189 -15.46 21.97 20.90
C ASP A 189 -14.22 21.14 20.61
N CYS A 190 -13.77 21.12 19.36
CA CYS A 190 -12.59 20.34 19.01
C CYS A 190 -11.35 20.93 19.66
N LEU A 191 -11.20 22.26 19.61
CA LEU A 191 -10.05 22.90 20.26
C LEU A 191 -10.04 22.60 21.75
N SER A 192 -11.21 22.72 22.40
CA SER A 192 -11.29 22.44 23.84
C SER A 192 -10.95 20.99 24.13
N GLY A 193 -11.41 20.08 23.26
CA GLY A 193 -11.10 18.67 23.46
C GLY A 193 -9.62 18.37 23.30
N LEU A 194 -8.97 19.03 22.34
CA LEU A 194 -7.53 18.86 22.17
C LEU A 194 -6.78 19.35 23.41
N GLU A 195 -7.25 20.46 24.01
CA GLU A 195 -6.66 20.89 25.28
C GLU A 195 -6.82 19.82 26.35
N GLU A 196 -8.00 19.23 26.45
CA GLU A 196 -8.23 18.20 27.46
C GLU A 196 -7.34 16.98 27.23
N GLU A 197 -6.99 16.70 25.98
CA GLU A 197 -6.15 15.56 25.64
C GLU A 197 -4.67 15.83 25.86
N GLY A 198 -4.30 17.03 26.31
CA GLY A 198 -2.93 17.32 26.65
C GLY A 198 -2.09 17.89 25.54
N VAL A 199 -2.67 18.20 24.38
CA VAL A 199 -1.91 18.88 23.34
C VAL A 199 -1.57 20.28 23.80
N SER A 200 -0.29 20.66 23.65
CA SER A 200 0.15 21.94 24.16
C SER A 200 -0.55 23.08 23.43
N PRO A 201 -0.63 24.26 24.06
CA PRO A 201 -1.32 25.39 23.40
C PRO A 201 -0.72 25.76 22.05
N ASP A 202 0.62 25.87 21.98
CA ASP A 202 1.25 26.23 20.72
C ASP A 202 1.00 25.18 19.64
N GLU A 203 0.94 23.90 20.02
CA GLU A 203 0.60 22.87 19.06
C GLU A 203 -0.84 23.01 18.58
N ILE A 204 -1.77 23.26 19.50
CA ILE A 204 -3.16 23.42 19.10
C ILE A 204 -3.31 24.60 18.16
N GLU A 205 -2.63 25.71 18.47
CA GLU A 205 -2.76 26.90 17.64
C GLU A 205 -2.23 26.67 16.24
N PHE A 206 -1.17 25.88 16.09
CA PHE A 206 -0.69 25.55 14.75
C PHE A 206 -1.74 24.73 14.00
N ALA A 207 -2.22 23.66 14.61
CA ALA A 207 -3.30 22.88 13.99
C ALA A 207 -4.51 23.75 13.73
N ASN A 208 -4.78 24.72 14.61
CA ASN A 208 -5.93 25.61 14.44
C ASN A 208 -5.76 26.47 13.20
N MET A 209 -4.58 27.08 13.02
CA MET A 209 -4.34 27.94 11.88
C MET A 209 -4.28 27.15 10.59
N CYS A 210 -3.78 25.91 10.62
CA CYS A 210 -3.87 25.04 9.45
C CYS A 210 -5.32 24.77 9.09
N MET A 211 -6.19 24.64 10.09
CA MET A 211 -7.59 24.37 9.80
C MET A 211 -8.29 25.60 9.22
N TRP A 212 -7.99 26.78 9.76
CA TRP A 212 -8.48 28.01 9.13
C TRP A 212 -8.09 28.06 7.67
N ARG A 213 -6.80 27.80 7.40
CA ARG A 213 -6.29 27.87 6.03
C ARG A 213 -6.95 26.83 5.14
N GLN A 214 -7.20 25.63 5.68
CA GLN A 214 -7.91 24.61 4.91
C GLN A 214 -9.33 25.06 4.60
N MET A 215 -10.07 25.48 5.63
CA MET A 215 -11.43 25.94 5.42
C MET A 215 -11.47 27.07 4.40
N LEU A 216 -10.52 27.99 4.47
CA LEU A 216 -10.51 29.12 3.54
C LEU A 216 -10.22 28.66 2.12
N THR A 217 -9.20 27.83 1.93
CA THR A 217 -8.83 27.42 0.57
C THR A 217 -9.86 26.47 -0.02
N GLN A 218 -10.42 25.58 0.81
CA GLN A 218 -11.50 24.71 0.33
C GLN A 218 -12.68 25.53 -0.16
N TRP A 219 -13.03 26.59 0.58
CA TRP A 219 -14.16 27.43 0.19
C TRP A 219 -13.84 28.29 -1.01
N LEU A 220 -12.63 28.84 -1.06
CA LEU A 220 -12.24 29.70 -2.17
C LEU A 220 -12.34 28.97 -3.50
N GLU A 221 -11.83 27.73 -3.56
CA GLU A 221 -11.86 27.02 -4.84
C GLU A 221 -13.27 26.61 -5.24
N LYS A 222 -14.23 26.61 -4.31
CA LYS A 222 -15.61 26.38 -4.65
C LYS A 222 -16.36 27.67 -5.00
N ALA A 223 -15.94 28.79 -4.43
CA ALA A 223 -16.66 30.05 -4.60
C ALA A 223 -16.13 30.88 -5.76
N ASP A 224 -14.84 30.77 -6.07
CA ASP A 224 -14.21 31.60 -7.10
C ASP A 224 -14.05 30.80 -8.37
N PRO A 225 -14.82 31.07 -9.43
CA PRO A 225 -14.72 30.25 -10.64
C PRO A 225 -13.38 30.37 -11.35
N GLU A 226 -12.60 31.41 -11.09
CA GLU A 226 -11.33 31.62 -11.77
C GLU A 226 -10.15 30.95 -11.07
N LEU A 227 -10.31 30.52 -9.82
CA LEU A 227 -9.16 30.08 -9.04
C LEU A 227 -8.59 28.77 -9.58
N LEU A 228 -9.41 27.72 -9.63
CA LEU A 228 -8.90 26.44 -10.11
C LEU A 228 -8.34 26.55 -11.52
N PRO A 229 -9.01 27.20 -12.48
CA PRO A 229 -8.38 27.42 -13.79
C PRO A 229 -7.00 28.06 -13.71
N LEU A 230 -6.80 29.00 -12.78
CA LEU A 230 -5.50 29.65 -12.65
C LEU A 230 -4.41 28.69 -12.19
N LEU A 231 -4.78 27.65 -11.44
CA LEU A 231 -3.80 26.73 -10.90
C LEU A 231 -3.48 25.58 -11.85
N LYS A 232 -4.47 25.10 -12.60
CA LYS A 232 -4.27 23.92 -13.42
C LYS A 232 -3.23 24.20 -14.50
N GLY A 233 -2.42 23.18 -14.79
CA GLY A 233 -1.32 23.30 -15.73
C GLY A 233 0.00 23.71 -15.12
N LYS A 234 -0.01 24.26 -13.91
CA LYS A 234 1.19 24.73 -13.22
C LYS A 234 1.36 23.85 -11.99
N ILE A 235 2.08 22.74 -12.14
CA ILE A 235 2.07 21.70 -11.13
C ILE A 235 2.63 22.21 -9.80
N SER A 236 3.65 23.06 -9.86
CA SER A 236 4.22 23.60 -8.63
C SER A 236 3.16 24.37 -7.84
N LEU A 237 2.42 25.24 -8.51
CA LEU A 237 1.38 26.01 -7.84
C LEU A 237 0.20 25.13 -7.44
N MET A 238 -0.25 24.27 -8.35
CA MET A 238 -1.40 23.42 -8.03
C MET A 238 -1.07 22.50 -6.86
N LEU A 239 0.13 21.94 -6.83
CA LEU A 239 0.51 21.06 -5.74
C LEU A 239 0.55 21.83 -4.41
N GLN A 240 1.07 23.05 -4.42
CA GLN A 240 1.08 23.84 -3.21
C GLN A 240 -0.34 24.11 -2.72
N TYR A 241 -1.27 24.36 -3.65
CA TYR A 241 -2.63 24.67 -3.23
C TYR A 241 -3.36 23.42 -2.74
N ARG A 242 -3.25 22.30 -3.47
CA ARG A 242 -4.00 21.12 -3.09
C ARG A 242 -3.53 20.55 -1.76
N VAL A 243 -2.28 20.79 -1.38
CA VAL A 243 -1.82 20.32 -0.08
C VAL A 243 -2.44 21.15 1.03
N LEU A 244 -2.76 22.42 0.75
CA LEU A 244 -3.47 23.22 1.74
C LEU A 244 -4.91 22.76 1.90
N THR A 245 -5.59 22.44 0.78
CA THR A 245 -6.97 21.99 0.87
C THR A 245 -7.07 20.61 1.52
N ALA A 246 -6.04 19.79 1.39
CA ALA A 246 -6.00 18.50 2.07
C ALA A 246 -5.57 18.63 3.52
N ASN A 247 -4.82 19.67 3.86
CA ASN A 247 -4.36 19.89 5.23
C ASN A 247 -3.65 18.66 5.77
N THR A 248 -2.82 18.02 4.94
CA THR A 248 -2.01 16.92 5.43
C THR A 248 -1.03 17.37 6.50
N LEU A 249 -0.65 18.65 6.48
CA LEU A 249 0.33 19.14 7.45
C LEU A 249 -0.30 19.26 8.83
N GLY A 250 -1.48 19.88 8.92
CA GLY A 250 -2.14 20.00 10.21
C GLY A 250 -2.51 18.65 10.79
N CYS A 251 -3.04 17.76 9.98
CA CYS A 251 -3.33 16.41 10.45
C CYS A 251 -2.05 15.71 10.89
N LEU A 252 -0.96 15.90 10.14
CA LEU A 252 0.30 15.25 10.50
C LEU A 252 0.77 15.68 11.88
N ALA A 253 0.72 16.98 12.16
CA ALA A 253 1.18 17.47 13.45
C ALA A 253 0.47 16.77 14.61
N LEU A 254 -0.86 16.61 14.50
CA LEU A 254 -1.59 15.94 15.56
C LEU A 254 -1.35 14.43 15.55
N PHE A 255 -1.17 13.84 14.36
CA PHE A 255 -0.84 12.41 14.30
C PHE A 255 0.50 12.14 14.98
N MET A 256 1.49 13.00 14.74
CA MET A 256 2.77 12.86 15.41
C MET A 256 2.62 12.98 16.92
N ASN A 257 1.82 13.94 17.38
CA ASN A 257 1.56 14.07 18.81
C ASN A 257 0.98 12.79 19.37
N ALA A 258 0.05 12.16 18.64
CA ALA A 258 -0.61 10.96 19.14
C ALA A 258 0.31 9.74 19.11
N THR A 259 1.24 9.69 18.16
CA THR A 259 2.01 8.48 17.89
C THR A 259 3.37 8.48 18.56
N ALA A 260 3.95 9.64 18.83
CA ALA A 260 5.29 9.70 19.41
C ALA A 260 5.29 9.22 20.85
N ASP A 261 6.36 8.53 21.24
CA ASP A 261 6.55 8.09 22.61
C ASP A 261 7.25 9.21 23.40
N PRO A 262 6.64 9.72 24.47
CA PRO A 262 7.33 10.78 25.24
C PRO A 262 8.71 10.38 25.72
N LYS A 263 8.93 9.10 25.98
CA LYS A 263 10.24 8.65 26.45
C LYS A 263 11.34 9.00 25.46
N ASP A 264 11.02 9.04 24.16
CA ASP A 264 12.00 9.39 23.14
C ASP A 264 12.33 10.88 23.12
N GLY A 265 11.78 11.66 24.04
CA GLY A 265 12.03 13.08 24.07
C GLY A 265 10.94 13.85 23.34
N PRO A 266 10.79 15.13 23.65
CA PRO A 266 9.71 15.91 23.04
C PRO A 266 9.99 16.22 21.59
N ILE A 267 8.91 16.36 20.83
CA ILE A 267 9.01 16.72 19.41
C ILE A 267 9.31 18.22 19.32
N HIS A 268 10.40 18.56 18.64
CA HIS A 268 10.71 19.95 18.32
C HIS A 268 10.10 20.24 16.96
N TYR A 269 8.90 20.82 16.95
CA TYR A 269 8.13 20.91 15.71
C TYR A 269 8.76 21.88 14.72
N ALA A 270 9.26 23.03 15.20
CA ALA A 270 9.96 23.94 14.31
C ALA A 270 11.15 23.25 13.65
N ASP A 271 11.93 22.49 14.43
CA ASP A 271 13.05 21.75 13.87
C ASP A 271 12.60 20.76 12.80
N SER A 272 11.39 20.23 12.92
CA SER A 272 10.87 19.20 12.03
C SER A 272 9.98 19.77 10.92
N SER A 273 9.91 21.10 10.79
CA SER A 273 8.95 21.69 9.86
C SER A 273 9.23 21.28 8.43
N TYR A 274 10.50 21.15 8.05
CA TYR A 274 10.83 20.80 6.67
C TYR A 274 10.43 19.36 6.34
N GLU A 275 10.79 18.42 7.23
CA GLU A 275 10.44 17.02 6.98
C GLU A 275 8.93 16.82 7.00
N MET A 276 8.23 17.55 7.87
CA MET A 276 6.78 17.44 7.93
C MET A 276 6.15 17.92 6.64
N GLU A 277 6.61 19.06 6.13
CA GLU A 277 6.09 19.58 4.86
C GLU A 277 6.31 18.56 3.75
N ILE A 278 7.51 17.98 3.68
CA ILE A 278 7.82 17.04 2.61
C ILE A 278 6.91 15.81 2.70
N ALA A 279 6.70 15.30 3.90
CA ALA A 279 5.81 14.16 4.07
C ALA A 279 4.38 14.51 3.67
N SER A 280 3.93 15.73 3.99
CA SER A 280 2.57 16.13 3.65
C SER A 280 2.39 16.21 2.14
N VAL A 281 3.37 16.76 1.44
CA VAL A 281 3.31 16.81 -0.02
C VAL A 281 3.33 15.40 -0.61
N ALA A 282 4.23 14.56 -0.09
CA ALA A 282 4.38 13.22 -0.65
C ALA A 282 3.08 12.43 -0.57
N GLN A 283 2.35 12.54 0.55
CA GLN A 283 1.13 11.75 0.68
C GLN A 283 0.09 12.18 -0.34
N CYS A 284 -0.03 13.48 -0.60
CA CYS A 284 -0.98 13.95 -1.60
C CYS A 284 -0.63 13.44 -2.99
N VAL A 285 0.66 13.20 -3.25
CA VAL A 285 1.03 12.65 -4.55
C VAL A 285 0.63 11.17 -4.64
N THR A 286 0.86 10.41 -3.58
CA THR A 286 0.45 9.00 -3.61
C THR A 286 -1.06 8.88 -3.64
N LEU A 287 -1.77 9.84 -3.04
CA LEU A 287 -3.21 9.88 -3.13
C LEU A 287 -3.66 9.88 -4.59
N ASP A 288 -3.10 10.77 -5.40
CA ASP A 288 -3.51 10.86 -6.79
C ASP A 288 -2.88 9.77 -7.65
N MET A 289 -1.69 9.28 -7.29
CA MET A 289 -1.11 8.14 -8.00
C MET A 289 -2.01 6.91 -7.90
N ALA A 290 -2.50 6.62 -6.70
CA ALA A 290 -3.36 5.45 -6.50
C ALA A 290 -4.74 5.69 -7.09
N LYS A 291 -5.25 6.92 -6.99
CA LYS A 291 -6.52 7.23 -7.64
C LYS A 291 -6.44 7.01 -9.14
N GLU A 292 -5.30 7.37 -9.75
CA GLU A 292 -5.13 7.11 -11.18
C GLU A 292 -5.19 5.62 -11.48
N ALA A 293 -4.59 4.79 -10.61
CA ALA A 293 -4.63 3.35 -10.81
C ALA A 293 -6.04 2.78 -10.66
N MET A 294 -6.92 3.47 -9.94
N MET A 294 -6.92 3.47 -9.94
CA MET A 294 -8.31 3.06 -9.81
CA MET A 294 -8.32 3.05 -9.81
C MET A 294 -9.21 3.70 -10.86
C MET A 294 -9.22 3.71 -10.85
N GLY A 295 -8.67 4.59 -11.69
CA GLY A 295 -9.46 5.21 -12.73
C GLY A 295 -10.42 6.29 -12.27
N ILE A 296 -10.11 6.94 -11.14
CA ILE A 296 -11.00 7.93 -10.55
C ILE A 296 -10.34 9.29 -10.40
N LEU A 297 -9.12 9.46 -10.91
CA LEU A 297 -8.48 10.76 -10.88
C LEU A 297 -8.95 11.64 -12.03
N GLN A 298 -8.91 11.12 -13.24
CA GLN A 298 -9.31 11.90 -14.41
C GLN A 298 -10.76 12.33 -14.29
N GLY A 299 -11.00 13.63 -14.51
CA GLY A 299 -12.33 14.15 -14.62
C GLY A 299 -12.86 14.87 -13.38
N GLU A 300 -12.35 14.56 -12.20
CA GLU A 300 -12.83 15.23 -11.00
C GLU A 300 -12.51 16.72 -11.09
N ARG A 301 -13.38 17.53 -10.46
CA ARG A 301 -13.28 18.98 -10.67
C ARG A 301 -11.94 19.53 -10.17
N THR A 302 -11.42 18.98 -9.08
CA THR A 302 -10.18 19.45 -8.49
C THR A 302 -8.96 18.66 -8.97
N GLU A 303 -9.05 18.04 -10.15
CA GLU A 303 -7.96 17.21 -10.64
C GLU A 303 -6.65 17.98 -10.70
N VAL A 304 -5.64 17.48 -9.98
CA VAL A 304 -4.36 18.17 -9.92
C VAL A 304 -3.63 18.12 -11.25
N VAL A 305 -3.78 17.05 -12.01
CA VAL A 305 -3.00 16.84 -13.22
C VAL A 305 -3.80 17.17 -14.47
N ALA A 306 -4.81 18.03 -14.36
CA ALA A 306 -5.63 18.37 -15.52
C ALA A 306 -4.79 19.03 -16.60
N GLY A 307 -5.20 18.82 -17.85
CA GLY A 307 -4.49 19.34 -18.99
C GLY A 307 -3.68 18.27 -19.70
N ASP A 308 -2.36 18.44 -19.72
CA ASP A 308 -1.44 17.43 -20.26
C ASP A 308 -1.19 16.39 -19.17
N ARG A 309 -2.16 15.48 -19.02
CA ARG A 309 -2.15 14.56 -17.90
C ARG A 309 -0.87 13.75 -17.84
N ALA A 310 -0.41 13.26 -18.99
CA ALA A 310 0.79 12.42 -19.00
C ALA A 310 1.99 13.17 -18.46
N GLN A 311 2.18 14.42 -18.89
CA GLN A 311 3.33 15.19 -18.44
C GLN A 311 3.17 15.59 -16.97
N ARG A 312 1.99 16.06 -16.59
CA ARG A 312 1.76 16.44 -15.20
C ARG A 312 2.04 15.27 -14.26
N LYS A 313 1.66 14.04 -14.67
CA LYS A 313 1.91 12.88 -13.83
C LYS A 313 3.40 12.55 -13.77
N ARG A 314 4.12 12.70 -14.89
N ARG A 314 4.12 12.70 -14.89
CA ARG A 314 5.57 12.57 -14.86
CA ARG A 314 5.57 12.56 -14.85
C ARG A 314 6.18 13.51 -13.83
C ARG A 314 6.19 13.51 -13.83
N GLU A 315 5.65 14.74 -13.74
CA GLU A 315 6.18 15.72 -12.81
C GLU A 315 5.84 15.35 -11.38
N LEU A 316 4.64 14.83 -11.13
CA LEU A 316 4.28 14.40 -9.77
C LEU A 316 5.20 13.29 -9.29
N ARG A 317 5.40 12.27 -10.13
CA ARG A 317 6.31 11.18 -9.75
C ARG A 317 7.72 11.71 -9.51
N TRP A 318 8.17 12.64 -10.35
CA TRP A 318 9.48 13.26 -10.16
C TRP A 318 9.60 13.84 -8.75
N ILE A 319 8.57 14.57 -8.32
CA ILE A 319 8.60 15.17 -6.99
C ILE A 319 8.50 14.10 -5.91
N TYR A 320 7.67 13.09 -6.13
CA TYR A 320 7.41 12.10 -5.09
C TYR A 320 8.67 11.34 -4.71
N VAL A 321 9.40 10.82 -5.69
CA VAL A 321 10.58 10.03 -5.37
C VAL A 321 11.62 10.86 -4.65
N ARG A 322 11.73 12.14 -4.98
CA ARG A 322 12.67 13.01 -4.30
C ARG A 322 12.22 13.28 -2.86
N CYS A 323 10.93 13.52 -2.67
CA CYS A 323 10.41 13.65 -1.31
C CYS A 323 10.74 12.42 -0.47
N MET A 324 10.51 11.24 -1.03
CA MET A 324 10.68 10.01 -0.26
C MET A 324 12.16 9.76 0.06
N GLN A 325 13.06 10.05 -0.87
CA GLN A 325 14.47 9.83 -0.57
C GLN A 325 14.95 10.74 0.55
N ILE A 326 14.53 12.01 0.52
CA ILE A 326 14.89 12.92 1.60
C ILE A 326 14.37 12.39 2.93
N LEU A 327 13.15 11.84 2.94
CA LEU A 327 12.57 11.38 4.19
C LEU A 327 13.32 10.19 4.78
N GLU A 328 14.07 9.44 3.97
CA GLU A 328 14.85 8.33 4.52
C GLU A 328 15.81 8.80 5.59
N SER A 329 16.31 10.03 5.49
CA SER A 329 17.39 10.52 6.33
C SER A 329 16.92 11.57 7.34
N GLN A 330 15.62 11.67 7.56
CA GLN A 330 15.12 12.65 8.52
C GLN A 330 14.94 12.01 9.88
N PRO A 331 14.94 12.81 10.96
CA PRO A 331 14.88 12.23 12.31
C PRO A 331 13.65 11.39 12.57
N HIS A 332 12.51 11.74 12.00
CA HIS A 332 11.25 11.05 12.28
C HIS A 332 10.82 10.17 11.10
N ALA A 333 11.79 9.52 10.45
CA ALA A 333 11.47 8.67 9.31
C ALA A 333 10.55 7.52 9.70
N HIS A 334 10.62 7.06 10.96
CA HIS A 334 9.78 5.94 11.38
C HIS A 334 8.30 6.28 11.39
N MET A 335 7.95 7.57 11.32
CA MET A 335 6.56 8.01 11.15
C MET A 335 6.29 8.63 9.79
N LEU A 336 7.22 9.44 9.27
CA LEU A 336 6.90 10.25 8.10
C LEU A 336 7.02 9.48 6.79
N ARG A 337 7.85 8.44 6.73
CA ARG A 337 7.93 7.63 5.53
C ARG A 337 6.59 6.98 5.23
N ARG A 338 5.99 6.34 6.23
CA ARG A 338 4.67 5.74 6.03
C ARG A 338 3.62 6.80 5.71
N TYR A 339 3.65 7.92 6.42
CA TYR A 339 2.70 8.99 6.13
C TYR A 339 2.84 9.46 4.69
N GLY A 340 4.07 9.55 4.19
CA GLY A 340 4.29 10.09 2.86
C GLY A 340 3.80 9.18 1.75
N SER A 341 3.79 7.87 1.98
CA SER A 341 3.41 6.90 0.94
C SER A 341 2.07 6.23 1.24
N ALA A 342 1.33 6.71 2.24
CA ALA A 342 0.17 5.96 2.73
C ALA A 342 -0.92 5.84 1.69
N GLY A 343 -1.03 6.80 0.77
CA GLY A 343 -2.06 6.72 -0.25
C GLY A 343 -1.98 5.46 -1.08
N LEU A 344 -0.78 4.88 -1.21
CA LEU A 344 -0.61 3.71 -2.04
C LEU A 344 -1.37 2.49 -1.49
N HIS A 345 -1.68 2.46 -0.18
CA HIS A 345 -2.48 1.37 0.36
C HIS A 345 -3.84 1.78 0.91
N TYR A 346 -4.07 3.04 1.26
CA TYR A 346 -5.40 3.39 1.76
C TYR A 346 -6.38 3.73 0.64
N VAL A 347 -5.91 4.20 -0.51
CA VAL A 347 -6.82 4.52 -1.61
C VAL A 347 -7.46 3.24 -2.11
N PRO A 348 -6.70 2.17 -2.40
CA PRO A 348 -7.32 0.94 -2.91
C PRO A 348 -8.20 0.21 -1.90
N MET A 349 -8.16 0.56 -0.62
CA MET A 349 -8.91 -0.15 0.41
C MET A 349 -10.08 0.64 0.97
N MET A 350 -10.12 1.95 0.79
CA MET A 350 -11.07 2.80 1.48
C MET A 350 -12.37 2.94 0.70
N ASP A 351 -13.49 2.93 1.42
CA ASP A 351 -14.79 3.11 0.81
C ASP A 351 -14.87 4.43 0.05
N ARG A 352 -14.26 5.49 0.59
CA ARG A 352 -14.31 6.79 -0.05
C ARG A 352 -13.98 6.70 -1.54
N TYR A 353 -13.00 5.88 -1.88
CA TYR A 353 -12.52 5.77 -3.26
C TYR A 353 -13.15 4.62 -4.01
N LEU A 354 -13.37 3.47 -3.36
CA LEU A 354 -14.09 2.39 -4.02
C LEU A 354 -15.52 2.81 -4.35
N GLU A 355 -16.10 3.72 -3.57
CA GLU A 355 -17.42 4.24 -3.89
C GLU A 355 -17.40 5.01 -5.20
N ARG A 356 -16.30 5.72 -5.48
CA ARG A 356 -16.18 6.42 -6.75
C ARG A 356 -16.00 5.45 -7.91
N VAL A 357 -15.17 4.41 -7.71
CA VAL A 357 -15.02 3.39 -8.73
C VAL A 357 -16.38 2.78 -9.06
N SER A 358 -17.23 2.58 -8.05
CA SER A 358 -18.54 1.95 -8.23
C SER A 358 -19.61 2.93 -8.66
N GLY A 359 -19.29 3.84 -9.58
CA GLY A 359 -20.29 4.76 -10.11
C GLY A 359 -20.64 5.90 -9.18
N HIS A 360 -19.72 6.32 -8.32
CA HIS A 360 -19.96 7.43 -7.40
C HIS A 360 -21.24 7.19 -6.60
N THR A 361 -21.31 6.02 -5.98
CA THR A 361 -22.43 5.63 -5.14
C THR A 361 -22.01 5.73 -3.67
N ARG A 362 -22.84 5.18 -2.78
CA ARG A 362 -22.53 5.10 -1.36
C ARG A 362 -22.65 3.66 -0.92
N PHE A 363 -21.64 3.16 -0.21
CA PHE A 363 -21.73 1.87 0.42
C PHE A 363 -22.46 2.02 1.76
N PRO A 364 -23.28 1.06 2.15
CA PRO A 364 -23.91 1.13 3.47
C PRO A 364 -22.87 1.00 4.58
N ILE A 365 -23.12 1.68 5.68
CA ILE A 365 -22.29 1.57 6.88
C ILE A 365 -22.84 0.42 7.69
N ARG A 366 -22.11 -0.70 7.71
CA ARG A 366 -22.57 -1.89 8.41
C ARG A 366 -22.50 -1.68 9.93
N ASP A 367 -23.13 -2.61 10.65
CA ASP A 367 -23.27 -2.44 12.10
C ASP A 367 -21.91 -2.28 12.78
N GLY A 368 -20.92 -3.06 12.35
CA GLY A 368 -19.61 -2.96 12.98
C GLY A 368 -19.02 -1.56 12.89
N ALA A 369 -19.05 -0.98 11.69
CA ALA A 369 -18.51 0.37 11.52
C ALA A 369 -19.37 1.40 12.24
N ALA A 370 -20.69 1.22 12.24
CA ALA A 370 -21.57 2.19 12.87
C ALA A 370 -21.32 2.28 14.36
N ARG A 371 -21.05 1.14 15.01
CA ARG A 371 -20.77 1.17 16.43
C ARG A 371 -19.46 1.89 16.73
N ILE A 372 -18.50 1.83 15.80
CA ILE A 372 -17.28 2.62 15.95
C ILE A 372 -17.59 4.10 15.85
N LEU A 373 -18.35 4.49 14.84
CA LEU A 373 -18.60 5.91 14.58
C LEU A 373 -19.51 6.56 15.60
N GLU A 374 -20.28 5.77 16.36
CA GLU A 374 -21.35 6.33 17.17
C GLU A 374 -20.82 7.37 18.16
N ARG A 375 -19.72 7.05 18.85
CA ARG A 375 -19.26 7.95 19.90
C ARG A 375 -18.78 9.29 19.35
N PHE A 376 -18.49 9.37 18.05
CA PHE A 376 -18.06 10.60 17.43
C PHE A 376 -19.22 11.54 17.11
N ILE A 377 -20.46 11.12 17.37
CA ILE A 377 -21.64 11.91 17.07
C ILE A 377 -22.13 12.54 18.35
N ASN A 378 -22.26 13.87 18.36
CA ASN A 378 -22.92 14.59 19.46
C ASN A 378 -24.38 14.75 19.08
N ARG A 379 -25.17 13.71 19.37
CA ARG A 379 -26.55 13.67 18.90
C ARG A 379 -27.39 14.81 19.49
N ALA A 380 -27.03 15.29 20.67
CA ALA A 380 -27.81 16.36 21.30
C ALA A 380 -27.79 17.64 20.48
N GLU A 381 -26.79 17.83 19.62
CA GLU A 381 -26.65 19.06 18.86
C GLU A 381 -26.92 18.86 17.37
N LEU A 382 -27.52 17.73 16.99
CA LEU A 382 -27.91 17.54 15.60
C LEU A 382 -29.24 18.23 15.33
N PRO A 383 -29.45 18.71 14.10
CA PRO A 383 -30.77 19.25 13.75
C PRO A 383 -31.80 18.14 13.63
N LYS A 384 -33.07 18.53 13.71
CA LYS A 384 -34.15 17.55 13.72
C LYS A 384 -34.05 16.59 12.55
N GLU A 385 -33.75 17.10 11.36
CA GLU A 385 -33.72 16.26 10.17
C GLU A 385 -32.56 15.29 10.15
N SER A 386 -31.63 15.39 11.10
CA SER A 386 -30.47 14.49 11.17
C SER A 386 -30.46 13.66 12.44
N GLU A 387 -31.52 13.69 13.24
CA GLU A 387 -31.51 13.05 14.54
C GLU A 387 -31.33 11.54 14.44
N ASP A 388 -31.65 10.93 13.30
CA ASP A 388 -31.61 9.49 13.15
C ASP A 388 -30.51 9.03 12.18
N ILE A 389 -29.41 9.79 12.11
CA ILE A 389 -28.26 9.28 11.37
C ILE A 389 -27.58 8.18 12.19
N ASN A 390 -26.78 7.39 11.50
CA ASN A 390 -26.10 6.25 12.10
C ASN A 390 -27.08 5.41 12.93
N PRO A 391 -28.22 5.02 12.35
CA PRO A 391 -29.27 4.38 13.15
C PRO A 391 -28.91 3.00 13.67
N ASN A 392 -27.94 2.32 13.06
CA ASN A 392 -27.57 0.96 13.45
C ASN A 392 -26.37 0.92 14.37
N GLY A 393 -25.96 2.06 14.94
CA GLY A 393 -24.75 2.12 15.72
C GLY A 393 -24.95 2.31 17.21
N ARG A 394 -26.20 2.30 17.66
CA ARG A 394 -26.50 2.55 19.06
C ARG A 394 -26.44 1.27 19.88
N SER A 395 -26.13 1.41 21.16
CA SER A 395 -26.07 0.28 22.07
C SER A 395 -26.95 0.54 23.29
N THR B 6 38.73 -40.15 -7.12
CA THR B 6 37.65 -39.28 -7.67
C THR B 6 36.29 -39.96 -7.52
N THR B 7 35.37 -39.69 -8.43
CA THR B 7 34.08 -40.36 -8.47
C THR B 7 33.58 -40.34 -9.91
N PRO B 8 33.02 -41.44 -10.41
CA PRO B 8 32.59 -41.46 -11.81
C PRO B 8 31.44 -40.50 -12.07
N THR B 9 31.44 -39.96 -13.29
CA THR B 9 30.42 -38.98 -13.69
C THR B 9 29.08 -39.67 -13.85
N LYS B 10 28.16 -39.38 -12.93
CA LYS B 10 26.79 -39.88 -12.97
C LYS B 10 25.85 -38.72 -13.27
N MET B 11 24.91 -38.93 -14.19
CA MET B 11 24.04 -37.84 -14.61
C MET B 11 22.58 -38.23 -14.76
N ALA B 12 22.16 -39.37 -14.22
CA ALA B 12 20.75 -39.74 -14.27
C ALA B 12 19.91 -38.66 -13.63
N THR B 13 18.81 -38.29 -14.30
CA THR B 13 17.88 -37.33 -13.75
C THR B 13 16.90 -38.02 -12.80
N LEU B 14 16.52 -37.31 -11.75
CA LEU B 14 15.62 -37.88 -10.76
C LEU B 14 14.23 -38.07 -11.34
N THR B 15 13.55 -39.12 -10.89
CA THR B 15 12.13 -39.25 -11.15
C THR B 15 11.36 -38.25 -10.30
N THR B 16 10.13 -37.96 -10.72
CA THR B 16 9.30 -37.04 -9.95
C THR B 16 9.06 -37.54 -8.53
N LYS B 17 9.06 -38.85 -8.33
CA LYS B 17 8.96 -39.41 -6.99
C LYS B 17 10.24 -39.13 -6.19
N GLN B 18 11.39 -39.33 -6.83
CA GLN B 18 12.66 -39.07 -6.13
C GLN B 18 12.80 -37.60 -5.79
N MET B 19 12.32 -36.70 -6.66
CA MET B 19 12.23 -35.29 -6.30
C MET B 19 11.41 -35.11 -5.04
N TRP B 20 10.18 -35.65 -5.04
CA TRP B 20 9.31 -35.55 -3.88
C TRP B 20 9.99 -36.12 -2.64
N GLN B 21 10.62 -37.29 -2.78
CA GLN B 21 11.30 -37.89 -1.64
C GLN B 21 12.51 -37.06 -1.21
N THR B 22 13.20 -36.43 -2.16
CA THR B 22 14.38 -35.65 -1.83
C THR B 22 14.03 -34.47 -0.93
N ILE B 23 12.97 -33.73 -1.29
CA ILE B 23 12.60 -32.59 -0.47
C ILE B 23 11.96 -33.02 0.85
N LYS B 24 11.41 -34.23 0.91
CA LYS B 24 10.96 -34.75 2.21
C LYS B 24 12.14 -34.91 3.17
N ASP B 25 13.23 -35.52 2.69
CA ASP B 25 14.41 -35.69 3.53
C ASP B 25 15.03 -34.35 3.89
N TYR B 26 14.95 -33.37 3.00
CA TYR B 26 15.57 -32.08 3.28
C TYR B 26 14.75 -31.30 4.29
N PHE B 27 13.44 -31.15 4.05
CA PHE B 27 12.61 -30.31 4.91
C PHE B 27 12.19 -31.03 6.18
N GLY B 28 12.08 -32.36 6.14
CA GLY B 28 11.58 -33.07 7.31
C GLY B 28 10.14 -32.65 7.61
N ASP B 29 9.67 -33.11 8.76
CA ASP B 29 8.31 -32.83 9.19
C ASP B 29 8.21 -31.46 9.84
N GLY B 30 7.02 -30.87 9.76
CA GLY B 30 6.70 -29.67 10.51
C GLY B 30 6.33 -30.02 11.93
N PHE B 31 5.41 -29.23 12.50
CA PHE B 31 4.91 -29.56 13.83
C PHE B 31 3.93 -30.73 13.80
N VAL B 32 3.51 -31.17 12.61
CA VAL B 32 2.72 -32.39 12.46
C VAL B 32 3.64 -33.50 11.98
N THR B 33 3.42 -34.71 12.51
CA THR B 33 4.23 -35.86 12.10
C THR B 33 3.74 -36.39 10.76
N GLY B 34 4.69 -36.77 9.90
CA GLY B 34 4.35 -37.22 8.57
C GLY B 34 3.91 -36.12 7.63
N SER B 35 4.27 -34.87 7.91
CA SER B 35 3.86 -33.73 7.09
C SER B 35 4.88 -33.37 6.02
N ALA B 36 6.07 -33.97 6.05
CA ALA B 36 7.07 -33.66 5.04
C ALA B 36 6.50 -33.93 3.65
N PRO B 37 6.77 -33.05 2.66
CA PRO B 37 7.56 -31.82 2.69
C PRO B 37 6.75 -30.57 2.97
N ILE B 38 5.46 -30.74 3.29
CA ILE B 38 4.59 -29.62 3.63
C ILE B 38 4.84 -29.29 5.10
N SER B 39 6.01 -28.76 5.40
CA SER B 39 6.48 -28.60 6.76
C SER B 39 6.37 -27.13 7.18
N TYR B 40 5.55 -26.88 8.20
CA TYR B 40 5.46 -25.57 8.85
C TYR B 40 5.69 -25.79 10.33
N ASN B 41 6.56 -24.97 10.93
CA ASN B 41 6.84 -25.07 12.35
C ASN B 41 5.87 -24.29 13.21
N VAL B 42 5.18 -23.31 12.64
CA VAL B 42 4.29 -22.43 13.40
C VAL B 42 2.85 -22.84 13.17
N HIS B 43 2.11 -23.05 14.25
CA HIS B 43 0.70 -23.40 14.19
C HIS B 43 -0.12 -22.12 14.26
N THR B 44 -0.64 -21.69 13.11
CA THR B 44 -1.36 -20.43 13.06
C THR B 44 -2.57 -20.42 13.99
N CYS B 45 -3.16 -21.58 14.27
CA CYS B 45 -4.36 -21.63 15.09
C CYS B 45 -4.08 -21.32 16.55
N ASP B 46 -2.85 -21.56 17.03
CA ASP B 46 -2.50 -21.23 18.40
C ASP B 46 -2.15 -19.76 18.59
N MET B 47 -2.07 -18.97 17.51
CA MET B 47 -1.69 -17.57 17.63
C MET B 47 -2.68 -16.81 18.50
N GLN B 48 -2.15 -15.86 19.26
CA GLN B 48 -2.95 -15.04 20.18
C GLN B 48 -2.65 -13.57 19.91
N LEU B 49 -3.71 -12.78 19.73
CA LEU B 49 -3.55 -11.35 19.54
C LEU B 49 -3.42 -10.66 20.89
N GLN B 50 -2.34 -9.92 21.06
CA GLN B 50 -2.15 -9.19 22.31
C GLN B 50 -2.78 -7.81 22.23
N PRO B 51 -3.20 -7.25 23.36
CA PRO B 51 -3.79 -5.91 23.33
C PRO B 51 -2.76 -4.85 22.99
N ASP B 52 -3.23 -3.79 22.33
CA ASP B 52 -2.39 -2.68 21.92
C ASP B 52 -2.39 -1.62 23.01
N SER B 53 -1.25 -1.44 23.68
CA SER B 53 -1.15 -0.44 24.73
C SER B 53 -1.24 0.99 24.18
N GLY B 54 -1.01 1.18 22.89
CA GLY B 54 -1.02 2.51 22.31
C GLY B 54 0.26 3.29 22.51
N ILE B 55 1.29 2.68 23.08
CA ILE B 55 2.57 3.33 23.31
C ILE B 55 3.64 2.49 22.63
N HIS B 56 4.34 3.09 21.66
CA HIS B 56 5.35 2.38 20.89
C HIS B 56 6.55 3.28 20.69
N ALA B 57 7.73 2.77 21.03
CA ALA B 57 8.96 3.52 20.85
C ALA B 57 9.23 3.73 19.36
N ALA B 58 10.11 4.69 19.08
CA ALA B 58 10.50 4.95 17.69
C ALA B 58 11.14 3.72 17.06
N SER B 59 11.81 2.90 17.85
CA SER B 59 12.45 1.68 17.36
C SER B 59 11.49 0.49 17.28
N ASP B 60 10.21 0.67 17.61
CA ASP B 60 9.27 -0.43 17.60
C ASP B 60 9.03 -0.91 16.17
N GLY B 61 8.97 -2.24 16.00
CA GLY B 61 8.76 -2.81 14.68
C GLY B 61 7.41 -2.49 14.08
N ILE B 62 6.46 -2.05 14.90
CA ILE B 62 5.13 -1.71 14.39
C ILE B 62 5.20 -0.63 13.32
N HIS B 63 6.26 0.19 13.32
CA HIS B 63 6.37 1.28 12.37
C HIS B 63 6.75 0.82 10.97
N TYR B 64 7.16 -0.44 10.81
CA TYR B 64 7.47 -1.00 9.49
C TYR B 64 6.22 -1.58 8.85
N GLY B 65 6.18 -1.53 7.52
CA GLY B 65 5.06 -2.10 6.79
C GLY B 65 3.79 -1.27 6.96
N VAL B 66 2.67 -1.92 6.65
CA VAL B 66 1.35 -1.33 6.81
C VAL B 66 0.76 -1.86 8.11
N GLN B 67 0.29 -0.95 8.97
CA GLN B 67 -0.29 -1.29 10.26
C GLN B 67 -1.79 -0.97 10.22
N ILE B 68 -2.61 -2.00 10.35
CA ILE B 68 -4.07 -1.86 10.38
C ILE B 68 -4.57 -2.59 11.61
N SER B 69 -5.03 -1.84 12.61
CA SER B 69 -5.55 -2.47 13.82
C SER B 69 -6.75 -3.34 13.49
N GLU B 70 -6.84 -4.49 14.16
CA GLU B 70 -7.93 -5.43 13.90
C GLU B 70 -9.29 -4.76 14.12
N ASP B 71 -9.44 -4.00 15.20
CA ASP B 71 -10.74 -3.43 15.53
C ASP B 71 -11.18 -2.36 14.56
N SER B 72 -10.30 -1.90 13.67
CA SER B 72 -10.67 -0.91 12.67
C SER B 72 -11.12 -1.55 11.36
N MET B 73 -10.91 -2.85 11.19
CA MET B 73 -11.20 -3.47 9.90
C MET B 73 -12.66 -3.35 9.49
N PRO B 74 -13.64 -3.32 10.40
CA PRO B 74 -15.04 -3.13 9.96
C PRO B 74 -15.27 -1.82 9.22
N LEU B 75 -14.37 -0.84 9.33
CA LEU B 75 -14.56 0.42 8.63
C LEU B 75 -14.47 0.26 7.11
N PHE B 76 -13.84 -0.80 6.64
CA PHE B 76 -13.60 -1.01 5.21
C PHE B 76 -14.58 -2.05 4.69
N SER B 77 -15.36 -1.65 3.68
CA SER B 77 -16.41 -2.54 3.17
C SER B 77 -15.84 -3.82 2.57
N ILE B 78 -14.64 -3.76 1.98
CA ILE B 78 -14.04 -4.97 1.43
C ILE B 78 -13.45 -5.86 2.51
N MET B 79 -13.47 -5.43 3.76
CA MET B 79 -12.98 -6.23 4.88
C MET B 79 -14.16 -6.55 5.81
N GLY B 80 -14.05 -6.29 7.09
CA GLY B 80 -15.02 -6.69 8.07
C GLY B 80 -14.32 -7.01 9.38
N ASP B 81 -14.89 -7.97 10.10
CA ASP B 81 -14.31 -8.44 11.36
C ASP B 81 -13.46 -9.69 11.09
N THR B 82 -13.02 -10.34 12.15
CA THR B 82 -12.17 -11.51 12.06
C THR B 82 -12.75 -12.63 12.91
N ALA B 83 -12.38 -13.87 12.56
CA ALA B 83 -12.84 -15.04 13.28
C ALA B 83 -11.79 -16.13 13.15
N ALA B 84 -11.53 -16.82 14.26
CA ALA B 84 -10.49 -17.84 14.27
C ALA B 84 -10.86 -18.96 13.30
N PRO B 85 -9.90 -19.47 12.54
CA PRO B 85 -10.19 -20.58 11.62
C PRO B 85 -10.32 -21.89 12.39
N PRO B 86 -11.03 -22.87 11.82
CA PRO B 86 -11.00 -24.22 12.40
C PRO B 86 -9.71 -24.94 12.03
N CYS B 87 -9.24 -25.76 12.97
CA CYS B 87 -7.93 -26.39 12.84
C CYS B 87 -8.05 -27.67 12.04
N THR B 88 -7.62 -27.62 10.78
CA THR B 88 -7.47 -28.81 9.95
C THR B 88 -6.00 -29.11 9.63
N CYS B 89 -5.05 -28.37 10.21
CA CYS B 89 -3.65 -28.53 9.84
C CYS B 89 -3.10 -29.89 10.25
N HIS B 90 -3.78 -30.60 11.15
CA HIS B 90 -3.33 -31.92 11.57
C HIS B 90 -3.66 -33.00 10.56
N ARG B 91 -4.49 -32.69 9.56
CA ARG B 91 -4.79 -33.63 8.49
C ARG B 91 -3.86 -33.48 7.29
N VAL B 92 -2.74 -32.77 7.46
CA VAL B 92 -1.83 -32.55 6.34
C VAL B 92 -1.18 -33.85 5.91
N ASP B 93 -1.04 -34.81 6.82
CA ASP B 93 -0.44 -36.10 6.45
C ASP B 93 -1.29 -36.82 5.40
N GLU B 94 -2.61 -36.63 5.44
CA GLU B 94 -3.47 -37.25 4.43
C GLU B 94 -3.24 -36.62 3.06
N ILE B 95 -2.96 -35.33 3.01
CA ILE B 95 -2.65 -34.69 1.73
C ILE B 95 -1.35 -35.27 1.17
N VAL B 96 -0.38 -35.54 2.04
CA VAL B 96 0.89 -36.10 1.58
C VAL B 96 0.70 -37.49 1.00
N LYS B 97 -0.02 -38.35 1.72
CA LYS B 97 -0.14 -39.74 1.27
C LYS B 97 -0.92 -39.83 -0.03
N HIS B 98 -1.91 -38.96 -0.24
CA HIS B 98 -2.59 -38.93 -1.53
C HIS B 98 -1.62 -38.54 -2.64
N ILE B 99 -0.81 -37.50 -2.40
CA ILE B 99 0.21 -37.10 -3.39
C ILE B 99 1.14 -38.27 -3.68
N ASP B 100 1.55 -39.00 -2.64
CA ASP B 100 2.33 -40.22 -2.85
C ASP B 100 1.59 -41.16 -3.79
N GLU B 101 0.29 -41.37 -3.55
CA GLU B 101 -0.49 -42.26 -4.41
C GLU B 101 -0.48 -41.78 -5.85
N PHE B 102 -0.60 -40.47 -6.07
CA PHE B 102 -0.64 -39.94 -7.43
C PHE B 102 0.69 -40.21 -8.14
N LEU B 103 1.81 -39.94 -7.47
CA LEU B 103 3.11 -40.05 -8.11
C LEU B 103 3.58 -41.49 -8.28
N GLU B 104 3.01 -42.43 -7.53
CA GLU B 104 3.37 -43.84 -7.70
C GLU B 104 2.69 -44.46 -8.91
N ARG B 105 1.68 -43.80 -9.48
CA ARG B 105 0.98 -44.29 -10.67
C ARG B 105 0.96 -43.25 -11.78
N ALA B 106 1.62 -42.11 -11.59
CA ALA B 106 1.57 -41.05 -12.58
C ALA B 106 2.76 -41.12 -13.52
N PRO B 107 2.59 -40.78 -14.80
CA PRO B 107 3.73 -40.76 -15.71
C PRO B 107 4.76 -39.71 -15.29
N GLU B 108 5.89 -39.73 -16.00
CA GLU B 108 6.91 -38.69 -15.84
C GLU B 108 6.75 -37.55 -16.85
N ALA B 109 5.85 -37.71 -17.83
CA ALA B 109 5.60 -36.69 -18.84
C ALA B 109 4.13 -36.74 -19.22
N LEU B 110 3.46 -35.60 -19.12
CA LEU B 110 2.03 -35.53 -19.37
C LEU B 110 1.73 -34.88 -20.72
N PRO B 111 0.52 -35.05 -21.26
CA PRO B 111 0.23 -34.49 -22.58
C PRO B 111 0.25 -32.97 -22.61
N ASP B 112 -0.25 -32.33 -21.56
CA ASP B 112 -0.40 -30.88 -21.53
C ASP B 112 0.77 -30.17 -20.84
N ASP B 113 1.89 -30.86 -20.66
CA ASP B 113 3.10 -30.20 -20.20
C ASP B 113 3.53 -29.15 -21.23
N GLY B 114 3.70 -27.91 -20.76
CA GLY B 114 4.04 -26.81 -21.63
C GLY B 114 2.88 -25.91 -21.99
N ALA B 115 1.64 -26.34 -21.74
CA ALA B 115 0.49 -25.51 -22.06
C ALA B 115 0.49 -24.26 -21.20
N ILE B 116 -0.14 -23.22 -21.72
CA ILE B 116 -0.21 -21.93 -21.04
C ILE B 116 -1.46 -21.88 -20.17
N THR B 117 -1.28 -21.53 -18.89
CA THR B 117 -2.35 -21.47 -17.92
C THR B 117 -2.48 -20.07 -17.31
N SER B 118 -2.06 -19.06 -18.06
CA SER B 118 -2.00 -17.70 -17.53
C SER B 118 -3.38 -17.13 -17.23
N GLY B 119 -4.44 -17.70 -17.79
CA GLY B 119 -5.75 -17.12 -17.69
C GLY B 119 -5.97 -15.91 -18.56
N LYS B 120 -5.03 -15.60 -19.46
CA LYS B 120 -5.12 -14.46 -20.35
C LYS B 120 -5.12 -14.96 -21.79
N PRO B 121 -6.28 -15.03 -22.44
CA PRO B 121 -6.40 -15.85 -23.67
C PRO B 121 -5.44 -15.47 -24.79
N CYS B 122 -4.92 -14.24 -24.81
CA CYS B 122 -4.07 -13.81 -25.91
C CYS B 122 -2.66 -14.38 -25.84
N ASP B 123 -2.32 -15.11 -24.79
CA ASP B 123 -0.98 -15.67 -24.64
C ASP B 123 -0.86 -16.94 -25.48
N THR B 124 0.13 -16.97 -26.38
CA THR B 124 0.34 -18.12 -27.25
C THR B 124 1.79 -18.60 -27.19
N ASN B 125 2.72 -17.71 -26.86
CA ASN B 125 4.14 -18.05 -26.82
C ASN B 125 4.60 -18.15 -25.38
N PRO B 126 5.06 -19.32 -24.92
CA PRO B 126 5.46 -19.43 -23.51
C PRO B 126 6.61 -18.52 -23.12
N ASP B 127 7.46 -18.13 -24.08
CA ASP B 127 8.55 -17.21 -23.75
C ASP B 127 8.03 -15.80 -23.56
N GLN B 128 6.99 -15.40 -24.30
CA GLN B 128 6.34 -14.12 -24.04
C GLN B 128 5.67 -14.14 -22.66
N VAL B 129 5.05 -15.26 -22.30
CA VAL B 129 4.48 -15.41 -20.96
C VAL B 129 5.58 -15.24 -19.92
N SER B 130 6.76 -15.79 -20.18
CA SER B 130 7.89 -15.60 -19.28
C SER B 130 8.31 -14.14 -19.20
N LEU B 131 8.20 -13.39 -20.30
CA LEU B 131 8.59 -12.00 -20.27
C LEU B 131 7.65 -11.19 -19.37
N TYR B 132 6.34 -11.45 -19.47
CA TYR B 132 5.40 -10.79 -18.56
C TYR B 132 5.67 -11.20 -17.12
N ALA B 133 6.07 -12.45 -16.90
CA ALA B 133 6.39 -12.89 -15.54
C ALA B 133 7.64 -12.20 -15.01
N MET B 134 8.58 -11.87 -15.89
CA MET B 134 9.75 -11.13 -15.46
C MET B 134 9.37 -9.71 -15.06
N ARG B 135 8.50 -9.07 -15.83
CA ARG B 135 7.93 -7.79 -15.42
C ARG B 135 7.30 -7.89 -14.03
N ASP B 136 6.44 -8.89 -13.83
CA ASP B 136 5.79 -9.05 -12.53
C ASP B 136 6.82 -9.29 -11.43
N SER B 137 7.85 -10.06 -11.72
CA SER B 137 8.84 -10.41 -10.70
C SER B 137 9.59 -9.19 -10.20
N LEU B 138 10.05 -8.35 -11.13
CA LEU B 138 10.70 -7.10 -10.72
C LEU B 138 9.75 -6.20 -9.96
N SER B 139 8.46 -6.23 -10.30
CA SER B 139 7.50 -5.37 -9.64
C SER B 139 7.27 -5.79 -8.19
N TRP B 140 7.13 -7.10 -7.94
CA TRP B 140 7.11 -7.60 -6.56
C TRP B 140 8.38 -7.19 -5.82
N TRP B 141 9.53 -7.54 -6.39
CA TRP B 141 10.81 -7.25 -5.78
C TRP B 141 10.89 -5.79 -5.33
N VAL B 142 10.47 -4.87 -6.21
CA VAL B 142 10.53 -3.46 -5.88
C VAL B 142 9.55 -3.14 -4.75
N HIS B 143 8.36 -3.74 -4.76
CA HIS B 143 7.40 -3.44 -3.71
C HIS B 143 7.78 -4.08 -2.38
N TRP B 144 8.57 -5.15 -2.40
CA TRP B 144 9.16 -5.66 -1.17
C TRP B 144 10.20 -4.70 -0.60
N GLY B 145 10.75 -3.82 -1.43
CA GLY B 145 11.76 -2.88 -1.01
C GLY B 145 13.06 -2.98 -1.78
N GLY B 146 13.17 -3.90 -2.75
CA GLY B 146 14.42 -4.09 -3.45
C GLY B 146 14.65 -3.09 -4.56
N ASN B 147 15.86 -3.12 -5.08
CA ASN B 147 16.31 -2.26 -6.16
C ASN B 147 16.65 -3.11 -7.38
N LEU B 148 17.03 -2.44 -8.47
CA LEU B 148 17.33 -3.09 -9.74
C LEU B 148 18.84 -3.17 -10.00
N ARG B 149 19.65 -3.13 -8.96
CA ARG B 149 21.09 -3.12 -9.16
C ARG B 149 21.57 -4.47 -9.68
N PRO B 150 22.63 -4.48 -10.50
CA PRO B 150 22.99 -5.72 -11.20
C PRO B 150 23.53 -6.82 -10.30
N GLU B 151 24.00 -6.51 -9.10
CA GLU B 151 24.53 -7.55 -8.22
C GLU B 151 23.44 -8.50 -7.73
N HIS B 152 22.16 -8.19 -7.96
CA HIS B 152 21.05 -9.04 -7.58
C HIS B 152 20.35 -9.66 -8.78
N TYR B 153 21.00 -9.60 -9.95
CA TYR B 153 20.40 -10.10 -11.19
C TYR B 153 19.83 -11.50 -11.02
N TRP B 154 20.61 -12.42 -10.45
CA TRP B 154 20.20 -13.81 -10.39
C TRP B 154 19.17 -14.07 -9.29
N LYS B 155 19.12 -13.24 -8.25
CA LYS B 155 18.00 -13.33 -7.31
C LYS B 155 16.69 -12.93 -7.98
N GLN B 156 16.76 -11.98 -8.92
CA GLN B 156 15.56 -11.59 -9.66
C GLN B 156 15.16 -12.64 -10.67
N ILE B 157 16.14 -13.32 -11.29
CA ILE B 157 15.82 -14.47 -12.14
C ILE B 157 15.10 -15.53 -11.33
N TYR B 158 15.55 -15.76 -10.09
CA TYR B 158 14.88 -16.73 -9.23
C TYR B 158 13.40 -16.40 -9.07
N ILE B 159 13.08 -15.12 -8.81
CA ILE B 159 11.68 -14.74 -8.71
C ILE B 159 10.95 -15.06 -10.01
N GLY B 160 11.64 -14.88 -11.14
CA GLY B 160 11.04 -15.27 -12.42
C GLY B 160 10.70 -16.75 -12.47
N PHE B 161 11.66 -17.60 -12.07
CA PHE B 161 11.38 -19.03 -11.99
C PHE B 161 10.22 -19.32 -11.05
N ALA B 162 10.06 -18.52 -10.00
CA ALA B 162 8.97 -18.76 -9.06
C ALA B 162 7.64 -18.29 -9.61
N ALA B 163 7.65 -17.32 -10.52
CA ALA B 163 6.42 -16.78 -11.07
C ALA B 163 5.85 -17.65 -12.19
N ILE B 164 6.73 -18.21 -13.01
CA ILE B 164 6.31 -18.79 -14.29
C ILE B 164 5.53 -20.10 -14.12
N PRO B 165 5.80 -20.96 -13.12
CA PRO B 165 5.00 -22.19 -13.03
C PRO B 165 3.53 -21.93 -12.75
N ASP B 166 3.17 -20.73 -12.30
CA ASP B 166 1.76 -20.38 -12.15
C ASP B 166 1.10 -20.16 -13.50
N ASP B 167 1.87 -19.74 -14.51
CA ASP B 167 1.33 -19.39 -15.81
C ASP B 167 1.67 -20.39 -16.91
N VAL B 168 2.49 -21.40 -16.62
CA VAL B 168 2.83 -22.45 -17.57
C VAL B 168 2.95 -23.76 -16.81
N GLN B 169 2.41 -24.83 -17.39
CA GLN B 169 2.53 -26.16 -16.80
C GLN B 169 3.93 -26.69 -17.10
N ILE B 170 4.80 -26.65 -16.09
CA ILE B 170 6.20 -27.04 -16.23
C ILE B 170 6.40 -28.39 -15.56
N SER B 171 6.94 -29.34 -16.31
CA SER B 171 7.24 -30.65 -15.76
C SER B 171 8.40 -30.55 -14.77
N PRO B 172 8.25 -31.05 -13.54
CA PRO B 172 9.38 -30.95 -12.59
C PRO B 172 10.66 -31.56 -13.13
N ARG B 173 10.54 -32.66 -13.90
CA ARG B 173 11.73 -33.29 -14.46
C ARG B 173 12.37 -32.45 -15.55
N GLU B 174 11.57 -31.73 -16.33
CA GLU B 174 12.14 -30.87 -17.36
C GLU B 174 12.72 -29.60 -16.76
N PHE B 175 12.09 -29.06 -15.71
CA PHE B 175 12.70 -27.97 -14.95
C PHE B 175 14.07 -28.39 -14.41
N LEU B 176 14.20 -29.65 -14.04
CA LEU B 176 15.42 -30.12 -13.39
C LEU B 176 16.52 -30.43 -14.39
N ASP B 177 16.17 -31.03 -15.52
CA ASP B 177 17.17 -31.52 -16.47
C ASP B 177 17.63 -30.46 -17.47
N GLY B 178 17.15 -29.23 -17.35
CA GLY B 178 17.53 -28.17 -18.27
C GLY B 178 16.70 -28.09 -19.53
N THR B 179 15.77 -29.02 -19.75
CA THR B 179 14.90 -28.94 -20.90
C THR B 179 14.11 -27.63 -20.89
N TYR B 180 13.51 -27.29 -19.75
CA TYR B 180 12.81 -26.02 -19.64
C TYR B 180 13.82 -24.89 -19.42
N ARG B 181 13.63 -23.81 -20.15
CA ARG B 181 14.44 -22.61 -19.97
C ARG B 181 13.51 -21.42 -19.73
N TYR B 182 13.85 -20.60 -18.74
CA TYR B 182 13.14 -19.36 -18.45
C TYR B 182 13.90 -18.22 -19.12
N LEU B 183 13.31 -17.63 -20.15
CA LEU B 183 13.95 -16.58 -20.92
C LEU B 183 15.37 -16.99 -21.32
N GLY B 184 15.53 -18.26 -21.67
CA GLY B 184 16.81 -18.78 -22.10
C GLY B 184 17.70 -19.32 -21.00
N HIS B 185 17.32 -19.16 -19.74
CA HIS B 185 18.11 -19.64 -18.61
C HIS B 185 17.63 -21.03 -18.19
N THR B 186 18.55 -21.96 -18.08
CA THR B 186 18.26 -23.20 -17.37
C THR B 186 18.21 -22.91 -15.87
N TRP B 187 17.64 -23.85 -15.12
CA TRP B 187 17.64 -23.71 -13.66
C TRP B 187 19.06 -23.69 -13.11
N ASP B 188 19.95 -24.52 -13.68
CA ASP B 188 21.33 -24.54 -13.22
C ASP B 188 22.01 -23.20 -13.46
N ASP B 189 21.67 -22.52 -14.55
CA ASP B 189 22.22 -21.19 -14.78
C ASP B 189 21.89 -20.26 -13.61
N CYS B 190 20.67 -20.34 -13.10
CA CYS B 190 20.30 -19.51 -11.96
C CYS B 190 21.12 -19.88 -10.73
N LEU B 191 21.20 -21.19 -10.42
CA LEU B 191 21.97 -21.63 -9.27
C LEU B 191 23.43 -21.19 -9.40
N SER B 192 24.03 -21.42 -10.56
CA SER B 192 25.40 -20.97 -10.78
C SER B 192 25.52 -19.48 -10.56
N GLY B 193 24.57 -18.70 -11.07
CA GLY B 193 24.64 -17.25 -10.91
C GLY B 193 24.54 -16.82 -9.46
N LEU B 194 23.67 -17.48 -8.68
CA LEU B 194 23.57 -17.17 -7.26
C LEU B 194 24.91 -17.40 -6.56
N GLU B 195 25.61 -18.47 -6.93
CA GLU B 195 26.96 -18.69 -6.39
C GLU B 195 27.87 -17.52 -6.75
N GLU B 196 27.85 -17.09 -8.01
CA GLU B 196 28.70 -15.99 -8.43
C GLU B 196 28.37 -14.71 -7.68
N GLU B 197 27.12 -14.55 -7.24
CA GLU B 197 26.71 -13.35 -6.53
C GLU B 197 27.04 -13.38 -5.05
N GLY B 198 27.66 -14.45 -4.56
CA GLY B 198 28.11 -14.50 -3.19
C GLY B 198 27.13 -15.11 -2.20
N VAL B 199 25.99 -15.61 -2.66
CA VAL B 199 25.07 -16.28 -1.77
C VAL B 199 25.73 -17.57 -1.29
N SER B 200 25.72 -17.79 0.03
CA SER B 200 26.45 -18.93 0.58
C SER B 200 25.80 -20.23 0.12
N PRO B 201 26.59 -21.30 -0.03
CA PRO B 201 26.03 -22.55 -0.57
C PRO B 201 24.80 -23.05 0.16
N ASP B 202 24.78 -22.94 1.49
CA ASP B 202 23.65 -23.45 2.26
C ASP B 202 22.38 -22.64 1.98
N GLU B 203 22.52 -21.33 1.78
CA GLU B 203 21.35 -20.53 1.44
C GLU B 203 20.83 -20.88 0.05
N ILE B 204 21.73 -21.04 -0.91
CA ILE B 204 21.30 -21.42 -2.26
C ILE B 204 20.55 -22.75 -2.22
N GLU B 205 21.07 -23.73 -1.47
CA GLU B 205 20.43 -25.04 -1.43
C GLU B 205 19.04 -24.96 -0.83
N PHE B 206 18.86 -24.14 0.21
CA PHE B 206 17.52 -23.94 0.77
C PHE B 206 16.60 -23.34 -0.28
N ALA B 207 17.01 -22.24 -0.90
CA ALA B 207 16.23 -21.67 -1.99
C ALA B 207 16.02 -22.69 -3.10
N ASN B 208 17.04 -23.51 -3.37
CA ASN B 208 16.91 -24.54 -4.39
C ASN B 208 15.78 -25.51 -4.04
N MET B 209 15.78 -26.01 -2.80
CA MET B 209 14.77 -26.98 -2.40
C MET B 209 13.38 -26.35 -2.33
N CYS B 210 13.30 -25.07 -1.97
CA CYS B 210 12.00 -24.40 -2.03
C CYS B 210 11.49 -24.31 -3.46
N MET B 211 12.39 -24.16 -4.44
CA MET B 211 11.98 -24.11 -5.83
C MET B 211 11.58 -25.50 -6.33
N TRP B 212 12.33 -26.53 -5.95
CA TRP B 212 11.89 -27.90 -6.21
C TRP B 212 10.46 -28.09 -5.74
N ARG B 213 10.21 -27.75 -4.47
CA ARG B 213 8.89 -27.97 -3.88
C ARG B 213 7.82 -27.16 -4.61
N GLN B 214 8.12 -25.93 -5.01
CA GLN B 214 7.15 -25.13 -5.74
C GLN B 214 6.84 -25.78 -7.08
N MET B 215 7.87 -26.09 -7.86
CA MET B 215 7.65 -26.71 -9.17
C MET B 215 6.81 -27.98 -9.04
N LEU B 216 7.07 -28.79 -8.01
CA LEU B 216 6.31 -30.01 -7.82
C LEU B 216 4.85 -29.72 -7.49
N THR B 217 4.61 -28.79 -6.57
CA THR B 217 3.24 -28.53 -6.14
C THR B 217 2.45 -27.76 -7.19
N GLN B 218 3.11 -26.83 -7.90
CA GLN B 218 2.45 -26.16 -9.00
C GLN B 218 2.04 -27.14 -10.09
N TRP B 219 2.85 -28.18 -10.30
CA TRP B 219 2.55 -29.18 -11.32
C TRP B 219 1.53 -30.18 -10.84
N LEU B 220 1.57 -30.54 -9.56
CA LEU B 220 0.61 -31.50 -9.02
C LEU B 220 -0.80 -30.96 -9.10
N GLU B 221 -0.99 -29.66 -8.82
CA GLU B 221 -2.33 -29.10 -8.81
C GLU B 221 -2.90 -28.99 -10.22
N LYS B 222 -2.06 -28.78 -11.22
CA LYS B 222 -2.52 -28.76 -12.61
C LYS B 222 -2.74 -30.17 -13.15
N ALA B 223 -2.01 -31.15 -12.64
CA ALA B 223 -2.05 -32.51 -13.17
C ALA B 223 -3.12 -33.36 -12.50
N ASP B 224 -3.13 -33.40 -11.17
CA ASP B 224 -4.10 -34.21 -10.44
C ASP B 224 -5.35 -33.37 -10.20
N PRO B 225 -6.49 -33.70 -10.81
CA PRO B 225 -7.71 -32.92 -10.56
C PRO B 225 -8.33 -33.19 -9.21
N GLU B 226 -7.86 -34.19 -8.48
CA GLU B 226 -8.40 -34.57 -7.18
C GLU B 226 -7.66 -33.92 -6.02
N LEU B 227 -6.65 -33.09 -6.28
CA LEU B 227 -5.84 -32.53 -5.20
C LEU B 227 -6.51 -31.31 -4.58
N LEU B 228 -6.83 -30.31 -5.40
CA LEU B 228 -7.41 -29.08 -4.85
C LEU B 228 -8.77 -29.33 -4.22
N PRO B 229 -9.73 -29.99 -4.88
CA PRO B 229 -10.96 -30.39 -4.18
C PRO B 229 -10.71 -30.98 -2.80
N LEU B 230 -9.64 -31.78 -2.69
CA LEU B 230 -9.28 -32.33 -1.38
C LEU B 230 -8.87 -31.24 -0.41
N LEU B 231 -8.31 -30.14 -0.90
CA LEU B 231 -7.89 -29.05 -0.04
C LEU B 231 -9.04 -28.08 0.27
N LYS B 232 -9.92 -27.86 -0.69
CA LYS B 232 -10.98 -26.87 -0.52
C LYS B 232 -11.79 -27.16 0.73
N GLY B 233 -12.25 -26.09 1.39
CA GLY B 233 -12.99 -26.20 2.62
C GLY B 233 -12.13 -26.34 3.86
N LYS B 234 -10.85 -26.66 3.70
CA LYS B 234 -9.92 -26.79 4.83
C LYS B 234 -8.94 -25.62 4.73
N ILE B 235 -9.37 -24.48 5.27
CA ILE B 235 -8.65 -23.22 5.08
C ILE B 235 -7.20 -23.35 5.52
N SER B 236 -6.95 -24.01 6.64
CA SER B 236 -5.58 -24.08 7.14
C SER B 236 -4.69 -24.91 6.22
N LEU B 237 -5.24 -25.93 5.58
CA LEU B 237 -4.45 -26.70 4.62
C LEU B 237 -4.32 -25.97 3.29
N MET B 238 -5.41 -25.38 2.80
CA MET B 238 -5.34 -24.63 1.55
C MET B 238 -4.33 -23.50 1.66
N LEU B 239 -4.31 -22.80 2.79
CA LEU B 239 -3.36 -21.71 2.97
C LEU B 239 -1.93 -22.23 3.01
N GLN B 240 -1.69 -23.36 3.68
CA GLN B 240 -0.36 -23.94 3.69
C GLN B 240 0.06 -24.36 2.29
N TYR B 241 -0.88 -24.89 1.50
CA TYR B 241 -0.52 -25.32 0.15
C TYR B 241 -0.27 -24.13 -0.77
N ARG B 242 -1.07 -23.07 -0.64
CA ARG B 242 -0.90 -21.91 -1.50
C ARG B 242 0.45 -21.24 -1.25
N VAL B 243 0.90 -21.22 0.00
CA VAL B 243 2.21 -20.63 0.30
C VAL B 243 3.32 -21.44 -0.35
N LEU B 244 3.15 -22.76 -0.41
CA LEU B 244 4.14 -23.59 -1.09
C LEU B 244 4.18 -23.31 -2.58
N THR B 245 3.01 -23.17 -3.21
CA THR B 245 2.96 -22.92 -4.65
C THR B 245 3.40 -21.51 -5.00
N ALA B 246 3.30 -20.57 -4.07
CA ALA B 246 3.81 -19.22 -4.29
C ALA B 246 5.29 -19.08 -3.98
N ASN B 247 5.84 -19.95 -3.14
CA ASN B 247 7.25 -19.94 -2.80
C ASN B 247 7.67 -18.56 -2.27
N THR B 248 6.83 -17.99 -1.40
CA THR B 248 7.22 -16.75 -0.74
C THR B 248 8.42 -16.97 0.16
N LEU B 249 8.60 -18.19 0.65
CA LEU B 249 9.69 -18.47 1.59
C LEU B 249 11.04 -18.44 0.87
N GLY B 250 11.17 -19.18 -0.23
CA GLY B 250 12.42 -19.16 -0.98
C GLY B 250 12.73 -17.80 -1.55
N CYS B 251 11.72 -17.13 -2.11
CA CYS B 251 11.92 -15.75 -2.56
C CYS B 251 12.33 -14.85 -1.41
N LEU B 252 11.74 -15.04 -0.23
CA LEU B 252 12.11 -14.25 0.93
C LEU B 252 13.57 -14.46 1.29
N ALA B 253 14.01 -15.73 1.31
CA ALA B 253 15.39 -16.04 1.66
C ALA B 253 16.37 -15.22 0.84
N LEU B 254 16.13 -15.14 -0.48
CA LEU B 254 17.06 -14.40 -1.34
C LEU B 254 16.87 -12.90 -1.20
N PHE B 255 15.63 -12.45 -1.01
CA PHE B 255 15.40 -11.03 -0.78
C PHE B 255 16.11 -10.56 0.49
N MET B 256 16.00 -11.35 1.57
CA MET B 256 16.69 -11.01 2.80
C MET B 256 18.20 -10.97 2.58
N ASN B 257 18.73 -11.92 1.80
CA ASN B 257 20.16 -11.93 1.52
C ASN B 257 20.58 -10.66 0.80
N ALA B 258 19.73 -10.14 -0.08
CA ALA B 258 20.08 -8.95 -0.85
C ALA B 258 19.91 -7.66 -0.04
N THR B 259 19.02 -7.67 0.96
CA THR B 259 18.62 -6.45 1.65
C THR B 259 19.18 -6.32 3.05
N ALA B 260 19.69 -7.40 3.64
CA ALA B 260 20.12 -7.37 5.02
C ALA B 260 21.35 -6.48 5.21
N ASP B 261 21.45 -5.92 6.41
CA ASP B 261 22.65 -5.20 6.83
C ASP B 261 23.87 -6.07 6.62
N PRO B 262 24.92 -5.58 5.95
CA PRO B 262 26.12 -6.41 5.75
C PRO B 262 26.80 -6.82 7.05
N LYS B 263 26.56 -6.11 8.15
CA LYS B 263 27.12 -6.53 9.43
C LYS B 263 26.35 -7.71 10.01
N ASP B 264 25.08 -7.85 9.65
CA ASP B 264 24.35 -9.08 9.93
C ASP B 264 25.14 -10.27 9.40
N GLY B 265 25.27 -11.31 10.23
CA GLY B 265 25.79 -12.56 9.76
C GLY B 265 24.86 -13.10 8.69
N PRO B 266 25.37 -13.93 7.79
CA PRO B 266 24.49 -14.52 6.77
C PRO B 266 23.25 -15.13 7.41
N ILE B 267 22.08 -14.69 6.95
CA ILE B 267 20.82 -15.06 7.59
C ILE B 267 20.38 -16.40 7.01
N HIS B 268 20.50 -17.45 7.81
CA HIS B 268 20.14 -18.80 7.38
C HIS B 268 18.77 -19.17 7.93
N TYR B 269 18.03 -19.94 7.14
CA TYR B 269 16.67 -20.33 7.52
C TYR B 269 16.64 -20.94 8.92
N ALA B 270 17.68 -21.69 9.29
CA ALA B 270 17.72 -22.28 10.61
C ALA B 270 17.65 -21.22 11.70
N ASP B 271 18.26 -20.05 11.45
CA ASP B 271 18.23 -18.98 12.43
C ASP B 271 16.85 -18.36 12.55
N SER B 272 16.19 -18.11 11.42
CA SER B 272 15.03 -17.23 11.35
C SER B 272 13.80 -17.91 10.75
N SER B 273 13.72 -19.24 10.82
CA SER B 273 12.59 -19.93 10.21
C SER B 273 11.26 -19.41 10.75
N TYR B 274 11.22 -19.01 12.01
CA TYR B 274 9.98 -18.56 12.63
C TYR B 274 9.46 -17.29 11.96
N GLU B 275 10.27 -16.24 11.94
CA GLU B 275 9.82 -14.98 11.36
C GLU B 275 9.62 -15.09 9.85
N MET B 276 10.39 -15.96 9.18
CA MET B 276 10.28 -16.07 7.73
C MET B 276 8.97 -16.76 7.34
N GLU B 277 8.60 -17.84 8.03
CA GLU B 277 7.32 -18.48 7.77
C GLU B 277 6.17 -17.50 8.02
N ILE B 278 6.23 -16.78 9.14
CA ILE B 278 5.15 -15.85 9.47
C ILE B 278 4.99 -14.80 8.37
N ALA B 279 6.09 -14.19 7.95
CA ALA B 279 6.03 -13.17 6.91
C ALA B 279 5.56 -13.77 5.59
N SER B 280 5.98 -15.00 5.29
CA SER B 280 5.58 -15.64 4.04
C SER B 280 4.08 -15.90 4.02
N VAL B 281 3.50 -16.29 5.16
CA VAL B 281 2.06 -16.50 5.22
C VAL B 281 1.33 -15.18 5.08
N ALA B 282 1.81 -14.14 5.78
CA ALA B 282 1.10 -12.87 5.78
C ALA B 282 0.97 -12.28 4.38
N GLN B 283 2.05 -12.34 3.59
CA GLN B 283 1.99 -11.73 2.26
C GLN B 283 0.92 -12.40 1.40
N CYS B 284 0.83 -13.73 1.48
CA CYS B 284 -0.17 -14.44 0.69
C CYS B 284 -1.58 -14.02 1.07
N VAL B 285 -1.81 -13.70 2.35
CA VAL B 285 -3.15 -13.26 2.75
C VAL B 285 -3.46 -11.88 2.17
N THR B 286 -2.44 -11.01 2.08
CA THR B 286 -2.69 -9.68 1.52
C THR B 286 -3.09 -9.76 0.06
N LEU B 287 -2.67 -10.81 -0.65
CA LEU B 287 -3.17 -11.05 -2.00
C LEU B 287 -4.69 -11.15 -2.00
N ASP B 288 -5.24 -11.98 -1.10
CA ASP B 288 -6.68 -12.14 -1.03
C ASP B 288 -7.36 -10.84 -0.60
N MET B 289 -6.74 -10.12 0.34
CA MET B 289 -7.35 -8.89 0.82
C MET B 289 -7.43 -7.84 -0.29
N ALA B 290 -6.33 -7.66 -1.03
CA ALA B 290 -6.29 -6.61 -2.04
C ALA B 290 -7.10 -6.99 -3.28
N LYS B 291 -7.16 -8.29 -3.61
CA LYS B 291 -7.88 -8.70 -4.81
C LYS B 291 -9.37 -8.39 -4.72
N GLU B 292 -9.92 -8.34 -3.50
CA GLU B 292 -11.33 -8.01 -3.36
C GLU B 292 -11.61 -6.60 -3.85
N ALA B 293 -10.68 -5.66 -3.59
CA ALA B 293 -10.83 -4.32 -4.15
C ALA B 293 -10.75 -4.35 -5.67
N MET B 294 -9.91 -5.21 -6.22
CA MET B 294 -9.80 -5.30 -7.67
C MET B 294 -11.09 -5.83 -8.30
N GLY B 295 -11.84 -6.66 -7.57
CA GLY B 295 -13.13 -7.10 -8.07
C GLY B 295 -14.07 -5.94 -8.33
N ILE B 296 -14.07 -4.94 -7.43
CA ILE B 296 -14.89 -3.76 -7.63
C ILE B 296 -14.47 -3.02 -8.89
N LEU B 297 -13.16 -2.77 -9.03
CA LEU B 297 -12.65 -2.17 -10.25
C LEU B 297 -13.13 -2.93 -11.48
N GLN B 298 -13.18 -4.26 -11.39
CA GLN B 298 -13.58 -5.08 -12.52
C GLN B 298 -15.03 -4.84 -12.92
N GLY B 299 -15.89 -4.53 -11.96
CA GLY B 299 -17.29 -4.28 -12.25
C GLY B 299 -18.09 -5.56 -12.43
N GLU B 303 -17.84 -6.13 -1.17
CA GLU B 303 -18.95 -5.49 -0.46
C GLU B 303 -20.12 -6.47 -0.29
N VAL B 304 -20.45 -7.19 -1.36
CA VAL B 304 -21.60 -8.10 -1.36
C VAL B 304 -21.12 -9.51 -0.98
N VAL B 305 -19.87 -9.62 -0.54
CA VAL B 305 -19.35 -10.93 -0.16
C VAL B 305 -20.17 -11.47 1.00
N ALA B 306 -20.57 -12.74 0.91
CA ALA B 306 -21.44 -13.33 1.90
C ALA B 306 -21.15 -14.83 2.00
N GLY B 307 -21.74 -15.46 3.00
CA GLY B 307 -21.67 -16.92 3.10
C GLY B 307 -20.26 -17.40 3.35
N ASP B 308 -19.92 -18.53 2.71
CA ASP B 308 -18.64 -19.18 2.97
C ASP B 308 -17.46 -18.30 2.56
N ARG B 309 -17.58 -17.59 1.43
CA ARG B 309 -16.52 -16.67 1.03
C ARG B 309 -16.27 -15.63 2.12
N ALA B 310 -17.33 -15.00 2.62
CA ALA B 310 -17.16 -14.01 3.69
C ALA B 310 -16.54 -14.64 4.93
N GLN B 311 -16.96 -15.86 5.28
CA GLN B 311 -16.37 -16.53 6.43
C GLN B 311 -14.89 -16.83 6.19
N ARG B 312 -14.54 -17.29 4.99
N ARG B 312 -14.56 -17.30 4.99
CA ARG B 312 -13.14 -17.55 4.69
CA ARG B 312 -13.17 -17.54 4.61
C ARG B 312 -12.29 -16.29 4.83
C ARG B 312 -12.32 -16.30 4.84
N LYS B 313 -12.82 -15.14 4.40
CA LYS B 313 -12.07 -13.90 4.52
C LYS B 313 -11.92 -13.47 5.97
N ARG B 314 -12.93 -13.72 6.81
CA ARG B 314 -12.80 -13.45 8.24
C ARG B 314 -11.60 -14.19 8.83
N GLU B 315 -11.41 -15.44 8.41
CA GLU B 315 -10.36 -16.28 8.95
C GLU B 315 -8.99 -15.91 8.40
N LEU B 316 -8.93 -15.48 7.14
CA LEU B 316 -7.68 -14.98 6.60
C LEU B 316 -7.25 -13.71 7.30
N ARG B 317 -8.19 -12.78 7.52
CA ARG B 317 -7.84 -11.55 8.24
C ARG B 317 -7.38 -11.86 9.66
N TRP B 318 -8.05 -12.82 10.32
CA TRP B 318 -7.62 -13.26 11.64
C TRP B 318 -6.17 -13.70 11.64
N ILE B 319 -5.80 -14.52 10.66
CA ILE B 319 -4.41 -14.97 10.56
C ILE B 319 -3.49 -13.79 10.26
N TYR B 320 -3.90 -12.92 9.34
CA TYR B 320 -3.02 -11.84 8.91
C TYR B 320 -2.63 -10.92 10.06
N VAL B 321 -3.63 -10.49 10.85
CA VAL B 321 -3.34 -9.53 11.92
C VAL B 321 -2.44 -10.17 12.97
N ARG B 322 -2.63 -11.46 13.23
CA ARG B 322 -1.80 -12.12 14.23
C ARG B 322 -0.39 -12.36 13.71
N CYS B 323 -0.25 -12.71 12.44
CA CYS B 323 1.07 -12.79 11.83
C CYS B 323 1.79 -11.45 11.91
N MET B 324 1.11 -10.38 11.50
CA MET B 324 1.75 -9.07 11.48
C MET B 324 2.13 -8.62 12.89
N GLN B 325 1.29 -8.90 13.88
CA GLN B 325 1.63 -8.48 15.24
C GLN B 325 2.90 -9.20 15.72
N ILE B 326 3.03 -10.49 15.42
CA ILE B 326 4.23 -11.22 15.79
C ILE B 326 5.46 -10.59 15.14
N LEU B 327 5.34 -10.17 13.88
CA LEU B 327 6.50 -9.61 13.19
C LEU B 327 6.99 -8.30 13.82
N GLU B 328 6.14 -7.62 14.59
CA GLU B 328 6.55 -6.38 15.24
C GLU B 328 7.82 -6.57 16.06
N SER B 329 7.92 -7.69 16.76
CA SER B 329 9.01 -7.93 17.70
C SER B 329 10.10 -8.82 17.13
N GLN B 330 10.05 -9.16 15.85
CA GLN B 330 11.05 -10.06 15.31
C GLN B 330 12.31 -9.28 14.91
N PRO B 331 13.48 -9.94 14.92
CA PRO B 331 14.73 -9.20 14.68
C PRO B 331 14.82 -8.58 13.31
N HIS B 332 14.17 -9.17 12.30
CA HIS B 332 14.19 -8.65 10.94
C HIS B 332 12.87 -8.00 10.57
N ALA B 333 12.19 -7.40 11.56
CA ALA B 333 10.98 -6.65 11.27
C ALA B 333 11.23 -5.55 10.25
N HIS B 334 12.45 -4.98 10.23
CA HIS B 334 12.76 -3.89 9.31
C HIS B 334 12.76 -4.34 7.86
N MET B 335 12.63 -5.65 7.60
CA MET B 335 12.41 -6.20 6.27
C MET B 335 11.10 -6.95 6.16
N LEU B 336 10.74 -7.73 7.18
CA LEU B 336 9.66 -8.71 7.04
C LEU B 336 8.27 -8.09 7.22
N ARG B 337 8.15 -7.00 7.97
CA ARG B 337 6.86 -6.33 8.07
C ARG B 337 6.40 -5.84 6.70
N ARG B 338 7.29 -5.21 5.94
CA ARG B 338 6.92 -4.76 4.60
C ARG B 338 6.65 -5.94 3.68
N TYR B 339 7.48 -6.98 3.75
CA TYR B 339 7.22 -8.18 2.97
C TYR B 339 5.86 -8.76 3.28
N GLY B 340 5.48 -8.79 4.56
CA GLY B 340 4.24 -9.42 4.95
C GLY B 340 3.00 -8.68 4.49
N SER B 341 3.08 -7.35 4.36
CA SER B 341 1.93 -6.55 3.97
C SER B 341 2.03 -6.00 2.56
N ALA B 342 3.00 -6.48 1.76
CA ALA B 342 3.31 -5.83 0.49
C ALA B 342 2.16 -5.90 -0.50
N GLY B 343 1.37 -6.97 -0.49
CA GLY B 343 0.28 -7.09 -1.44
C GLY B 343 -0.69 -5.94 -1.37
N LEU B 344 -0.77 -5.27 -0.22
CA LEU B 344 -1.73 -4.19 -0.08
C LEU B 344 -1.40 -2.99 -0.96
N HIS B 345 -0.15 -2.84 -1.40
CA HIS B 345 0.18 -1.77 -2.34
C HIS B 345 0.65 -2.26 -3.71
N TYR B 346 1.11 -3.51 -3.85
CA TYR B 346 1.54 -3.94 -5.17
C TYR B 346 0.41 -4.54 -6.00
N VAL B 347 -0.63 -5.09 -5.38
CA VAL B 347 -1.74 -5.64 -6.16
C VAL B 347 -2.46 -4.50 -6.90
N PRO B 348 -2.78 -3.38 -6.25
CA PRO B 348 -3.49 -2.32 -6.98
C PRO B 348 -2.66 -1.61 -8.03
N MET B 349 -1.34 -1.77 -8.00
CA MET B 349 -0.45 -1.05 -8.91
C MET B 349 0.11 -1.91 -10.04
N MET B 350 0.16 -3.22 -9.89
CA MET B 350 0.90 -4.05 -10.84
C MET B 350 0.07 -4.41 -12.06
N ASP B 351 0.74 -4.41 -13.22
CA ASP B 351 0.08 -4.80 -14.46
C ASP B 351 -0.55 -6.17 -14.36
N ARG B 352 0.11 -7.09 -13.64
CA ARG B 352 -0.40 -8.45 -13.53
C ARG B 352 -1.87 -8.46 -13.12
N TYR B 353 -2.24 -7.63 -12.16
CA TYR B 353 -3.60 -7.62 -11.65
C TYR B 353 -4.49 -6.62 -12.36
N LEU B 354 -3.94 -5.50 -12.80
CA LEU B 354 -4.73 -4.56 -13.60
C LEU B 354 -5.11 -5.17 -14.94
N GLU B 355 -4.26 -6.03 -15.50
CA GLU B 355 -4.62 -6.71 -16.75
C GLU B 355 -5.86 -7.57 -16.57
N ARG B 356 -5.96 -8.27 -15.43
CA ARG B 356 -7.14 -9.10 -15.17
C ARG B 356 -8.38 -8.25 -15.00
N VAL B 357 -8.26 -7.14 -14.26
CA VAL B 357 -9.38 -6.22 -14.11
C VAL B 357 -9.85 -5.73 -15.46
N SER B 358 -8.91 -5.51 -16.38
CA SER B 358 -9.24 -4.97 -17.70
C SER B 358 -9.64 -6.05 -18.69
N GLY B 359 -10.25 -7.13 -18.20
CA GLY B 359 -10.74 -8.18 -19.07
C GLY B 359 -9.75 -9.26 -19.40
N HIS B 360 -8.78 -9.51 -18.54
CA HIS B 360 -7.79 -10.57 -18.75
C HIS B 360 -7.09 -10.42 -20.10
N THR B 361 -6.76 -9.18 -20.45
CA THR B 361 -6.00 -8.88 -21.63
C THR B 361 -4.52 -8.73 -21.24
N ARG B 362 -3.72 -8.10 -22.10
CA ARG B 362 -2.33 -7.83 -21.81
C ARG B 362 -2.03 -6.37 -22.12
N PHE B 363 -1.33 -5.71 -21.20
CA PHE B 363 -0.87 -4.35 -21.47
C PHE B 363 0.44 -4.41 -22.26
N PRO B 364 0.62 -3.53 -23.24
CA PRO B 364 1.91 -3.47 -23.94
C PRO B 364 3.04 -3.21 -22.97
N ILE B 365 4.20 -3.79 -23.26
CA ILE B 365 5.43 -3.48 -22.54
C ILE B 365 6.07 -2.29 -23.25
N ARG B 366 6.00 -1.13 -22.63
CA ARG B 366 6.47 0.10 -23.28
C ARG B 366 8.00 0.15 -23.26
N ASP B 367 8.54 1.10 -24.01
CA ASP B 367 9.98 1.17 -24.22
C ASP B 367 10.75 1.16 -22.89
N GLY B 368 10.35 2.03 -21.96
CA GLY B 368 11.06 2.10 -20.69
C GLY B 368 11.14 0.75 -19.99
N ALA B 369 10.02 0.02 -19.96
CA ALA B 369 10.00 -1.27 -19.28
C ALA B 369 10.79 -2.31 -20.09
N ALA B 370 10.73 -2.24 -21.41
CA ALA B 370 11.45 -3.21 -22.24
C ALA B 370 12.95 -3.09 -22.05
N ARG B 371 13.45 -1.85 -21.89
CA ARG B 371 14.89 -1.66 -21.68
C ARG B 371 15.33 -2.20 -20.33
N ILE B 372 14.44 -2.19 -19.33
CA ILE B 372 14.77 -2.81 -18.05
C ILE B 372 14.87 -4.32 -18.19
N LEU B 373 13.91 -4.92 -18.92
CA LEU B 373 13.82 -6.37 -19.00
C LEU B 373 14.86 -6.99 -19.93
N GLU B 374 15.43 -6.21 -20.85
CA GLU B 374 16.27 -6.75 -21.89
C GLU B 374 17.36 -7.66 -21.33
N ARG B 375 18.06 -7.19 -20.28
CA ARG B 375 19.24 -7.91 -19.82
C ARG B 375 18.90 -9.23 -19.15
N PHE B 376 17.63 -9.43 -18.77
CA PHE B 376 17.21 -10.68 -18.16
C PHE B 376 16.89 -11.77 -19.18
N ILE B 377 17.08 -11.49 -20.47
CA ILE B 377 16.78 -12.45 -21.54
C ILE B 377 18.09 -13.00 -22.07
N ASN B 378 18.24 -14.32 -22.03
CA ASN B 378 19.39 -14.99 -22.64
C ASN B 378 19.00 -15.33 -24.08
N ARG B 379 19.14 -14.33 -24.95
CA ARG B 379 18.65 -14.46 -26.32
C ARG B 379 19.35 -15.60 -27.06
N ALA B 380 20.57 -15.95 -26.66
CA ALA B 380 21.32 -16.98 -27.38
C ALA B 380 20.64 -18.34 -27.28
N GLU B 381 19.89 -18.59 -26.21
CA GLU B 381 19.26 -19.89 -25.97
C GLU B 381 17.74 -19.84 -26.16
N LEU B 382 17.23 -18.83 -26.84
CA LEU B 382 15.80 -18.77 -27.11
C LEU B 382 15.47 -19.61 -28.35
N PRO B 383 14.29 -20.22 -28.38
CA PRO B 383 13.85 -20.87 -29.62
C PRO B 383 13.61 -19.85 -30.72
N LYS B 384 13.68 -20.35 -31.97
CA LYS B 384 13.57 -19.46 -33.12
C LYS B 384 12.25 -18.69 -33.12
N GLU B 385 11.16 -19.37 -32.75
CA GLU B 385 9.85 -18.71 -32.69
C GLU B 385 9.79 -17.61 -31.65
N SER B 386 10.81 -17.48 -30.79
CA SER B 386 10.83 -16.46 -29.76
C SER B 386 11.97 -15.45 -29.94
N GLU B 387 12.69 -15.50 -31.06
CA GLU B 387 13.87 -14.66 -31.20
C GLU B 387 13.52 -13.18 -31.28
N ASP B 388 12.29 -12.83 -31.66
CA ASP B 388 11.86 -11.44 -31.74
C ASP B 388 11.20 -10.97 -30.45
N ILE B 389 11.47 -11.63 -29.33
CA ILE B 389 10.89 -11.23 -28.06
C ILE B 389 11.49 -9.90 -27.60
N ASN B 390 10.68 -9.11 -26.89
CA ASN B 390 11.10 -7.83 -26.35
C ASN B 390 11.80 -6.99 -27.42
N PRO B 391 11.12 -6.70 -28.54
CA PRO B 391 11.82 -6.03 -29.65
C PRO B 391 12.22 -4.61 -29.35
N ASN B 392 11.47 -3.90 -28.50
CA ASN B 392 11.76 -2.52 -28.17
C ASN B 392 12.71 -2.38 -26.98
N GLY B 393 13.58 -3.37 -26.74
CA GLY B 393 14.39 -3.41 -25.54
C GLY B 393 15.84 -3.06 -25.72
N ARG B 394 16.27 -2.82 -26.96
CA ARG B 394 17.66 -2.46 -27.22
C ARG B 394 17.87 -0.96 -27.08
ZN ZN C . 9.97 25.94 -8.45
P1 PIS D . -9.89 13.07 -2.05
O1 PIS D . -8.67 14.07 -1.91
P2 PIS D . -8.46 15.55 -2.43
S1 PIS D . -7.04 16.23 -1.25
O2 PIS D . -11.11 13.97 -2.21
O3 PIS D . -9.64 12.32 -3.36
O4 PIS D . -7.86 15.40 -3.88
O5 PIS D . -9.96 12.17 -0.86
O6 PIS D . -9.74 16.28 -2.53
HO2 PIS D . -12.04 13.74 -1.96
HO3 PIS D . -9.17 11.45 -3.40
HO4 PIS D . -8.31 14.91 -4.62
O6 BU3 E . 8.47 30.75 6.19
C3 BU3 E . 7.51 30.32 7.15
C4 BU3 E . 8.15 29.34 8.11
C2 BU3 E . 6.29 29.70 6.44
O5 BU3 E . 5.27 29.43 7.39
C1 BU3 E . 6.67 28.43 5.70
C10 V8Z F . -6.33 14.32 5.18
C11 V8Z F . -7.69 14.88 5.51
C12 V8Z F . -7.39 14.47 1.80
C13 V8Z F . -6.54 13.46 1.70
C14 V8Z F . -5.13 13.57 2.22
C15 V8Z F . -5.04 12.84 3.56
C1 V8Z F . -8.83 14.52 1.36
C2 V8Z F . -9.73 15.46 2.22
C3 V8Z F . -5.15 15.10 5.72
C4 V8Z F . -6.88 12.15 1.04
C5 V8Z F . -9.46 16.91 1.83
C6 V8Z F . -11.20 15.13 1.97
C7 V8Z F . -8.33 15.62 4.37
C8 V8Z F . -9.35 15.21 3.67
C9 V8Z F . -6.18 13.22 4.45
H19 V8Z F . -8.36 14.09 5.83
H18 V8Z F . -7.63 15.54 6.38
H20 V8Z F . -7.06 15.40 2.26
H21 V8Z F . -4.83 14.61 2.33
H22 V8Z F . -4.42 13.16 1.52
H24 V8Z F . -5.02 11.77 3.39
H23 V8Z F . -4.08 13.06 4.03
H1 V8Z F . -8.87 14.82 0.31
H2 V8Z F . -9.23 13.50 1.37
H4 V8Z F . -4.40 15.31 4.97
H5 V8Z F . -4.64 14.59 6.52
H3 V8Z F . -5.44 16.07 6.13
H7 V8Z F . -7.45 12.30 0.12
H8 V8Z F . -7.47 11.52 1.69
H6 V8Z F . -5.98 11.60 0.77
H9 V8Z F . -9.68 17.60 2.64
H10 V8Z F . -10.07 17.23 0.98
H11 V8Z F . -8.42 17.08 1.54
H12 V8Z F . -11.86 15.75 2.56
H13 V8Z F . -11.42 14.09 2.24
H14 V8Z F . -11.47 15.26 0.92
H15 V8Z F . -7.83 16.58 4.17
H16 V8Z F . -10.09 14.56 4.15
H17 V8Z F . -6.98 12.46 4.49
O1 MES G . -17.42 -9.79 7.86
C2 MES G . -17.88 -8.92 6.83
C3 MES G . -19.40 -8.91 6.75
N4 MES G . -19.81 -8.96 8.14
C5 MES G . -19.59 -10.22 8.85
C6 MES G . -18.35 -10.82 8.21
C7 MES G . -20.20 -7.74 8.83
C8 MES G . -19.32 -7.61 10.08
S MES G . -19.12 -6.01 10.49
O1S MES G . -18.54 -5.26 9.37
O2S MES G . -18.21 -5.92 11.65
O3S MES G . -20.43 -5.43 10.87
H21 MES G . -17.52 -7.90 7.01
H22 MES G . -17.47 -9.24 5.86
H31 MES G . -19.77 -8.00 6.27
H32 MES G . -19.77 -9.76 6.19
H51 MES G . -19.44 -10.05 9.92
H52 MES G . -20.46 -10.89 8.74
H61 MES G . -18.63 -11.37 7.30
H62 MES G . -17.88 -11.52 8.90
H71 MES G . -20.05 -6.88 8.17
H72 MES G . -21.26 -7.77 9.10
H81 MES G . -19.79 -8.15 10.90
H82 MES G . -18.34 -8.06 9.89
MG MG H . -10.02 18.29 -2.42
MG MG I . -11.59 15.60 -3.03
MG MG J . -10.96 39.55 -12.05
MG MG K . -21.46 28.29 -6.09
ZN ZN L . -4.31 -25.57 13.12
P1 PIS M . -1.37 -14.44 -8.31
O1 PIS M . -1.18 -15.27 -6.96
P2 PIS M . -1.38 -16.79 -6.56
S1 PIS M . -0.20 -17.08 -4.99
O2 PIS M . -1.32 -15.46 -9.44
O3 PIS M . -2.79 -13.87 -8.25
O4 PIS M . -2.85 -16.91 -6.02
O5 PIS M . -0.32 -13.38 -8.44
O6 PIS M . -1.24 -17.68 -7.74
HO2 PIS M . -1.37 -15.26 -10.41
HO3 PIS M . -2.98 -12.89 -8.23
HO4 PIS M . -3.65 -16.53 -6.46
C10 V8Z N . 6.05 -14.47 -5.20
C11 V8Z N . 6.29 -15.27 -6.47
C12 V8Z N . 2.61 -14.99 -5.86
C13 V8Z N . 2.48 -13.84 -5.22
C14 V8Z N . 3.12 -13.63 -3.87
C15 V8Z N . 4.45 -12.87 -4.04
C1 V8Z N . 2.06 -15.34 -7.21
C2 V8Z N . 2.88 -16.44 -7.95
C3 V8Z N . 6.81 -14.92 -3.98
C4 V8Z N . 1.70 -12.67 -5.73
C5 V8Z N . 2.60 -17.80 -7.29
C6 V8Z N . 2.47 -16.50 -9.42
C7 V8Z N . 5.15 -16.19 -6.79
C8 V8Z N . 4.34 -16.06 -7.82
C9 V8Z N . 5.23 -13.42 -5.20
H19 V8Z N . 6.48 -14.61 -7.31
H18 V8Z N . 7.21 -15.85 -6.37
H20 V8Z N . 3.16 -15.81 -5.40
H21 V8Z N . 3.31 -14.58 -3.36
H22 V8Z N . 2.46 -13.09 -3.19
H24 V8Z N . 4.24 -11.81 -4.18
H23 V8Z N . 5.02 -12.92 -3.12
H1 V8Z N . 1.02 -15.65 -7.11
H2 V8Z N . 2.02 -14.43 -7.82
H4 V8Z N . 6.67 -15.98 -3.76
H5 V8Z N . 6.52 -14.40 -3.07
H3 V8Z N . 7.88 -14.77 -4.06
H7 V8Z N . 0.70 -12.97 -6.03
H8 V8Z N . 2.18 -12.22 -6.59
H6 V8Z N . 1.59 -11.90 -4.97
H9 V8Z N . 3.39 -18.52 -7.49
H10 V8Z N . 1.67 -18.24 -7.66
H11 V8Z N . 2.51 -17.72 -6.21
H12 V8Z N . 3.08 -17.19 -9.99
H13 V8Z N . 2.56 -15.53 -9.90
H14 V8Z N . 1.43 -16.81 -9.53
H15 V8Z N . 5.05 -17.01 -6.07
H16 V8Z N . 4.72 -15.62 -8.74
H17 V8Z N . 5.09 -12.86 -6.12
MG MG O . -1.13 -19.80 -8.10
MG MG P . -2.18 -17.41 -9.76
#